data_6KU0
#
_entry.id   6KU0
#
_cell.length_a   60.293
_cell.length_b   63.220
_cell.length_c   74.418
_cell.angle_alpha   65.780
_cell.angle_beta   86.710
_cell.angle_gamma   85.810
#
_symmetry.space_group_name_H-M   'P 1'
#
loop_
_entity.id
_entity.type
_entity.pdbx_description
1 polymer 'Unconventional myosin-Va'
2 polymer 'Peptide from [F-actin]-monooxygenase MICAL1'
3 non-polymer 1,2-ETHANEDIOL
4 water water
#
loop_
_entity_poly.entity_id
_entity_poly.type
_entity_poly.pdbx_seq_one_letter_code
_entity_poly.pdbx_strand_id
1 'polypeptide(L)'
;GPGSKDFQGMLEYKREDEQKLVKNLILELKPRGVAVNLIPGLPAYILFMCVRHADYLNDDQKVRSLLTSTINSIKKVLKK
RGDDFETVSFWLSNTCRFLHCLKQYSGEEGFMKHNTSRQNEHCLTNFDLAEYRQVLSDLAIQIYQQLVRVLENILQPMIV
SGMLEHETIQGVSGVKPTGLRKRTSSIADEGTYTLDSILRQLNSFHSVMCQHGMDPELIKQVVKQMFYIVGAITLNNLLL
RKDMCSWSKGMQIRYNVSQLEEWLRDKNLMNSGAKETLEPLIQAAQLLQVKKKTDDDAEAICSMCNALTTAQIVKVLNLY
TPVNEFEERVSVSFIRTIQMRLRDRKDSPQLLMDAKHIFPVTFPFNPSSLALETIQIPASLGLGFIARV
;
A,C
2 'polypeptide(L)' GPGSQPTRRQIRLSSPERQRLSSLNLT B,D
#
loop_
_chem_comp.id
_chem_comp.type
_chem_comp.name
_chem_comp.formula
EDO non-polymer 1,2-ETHANEDIOL 'C2 H6 O2'
#
# COMPACT_ATOMS: atom_id res chain seq x y z
N PHE A 7 9.91 -9.49 32.75
CA PHE A 7 10.65 -8.55 31.86
C PHE A 7 10.34 -7.08 32.11
N GLN A 8 11.40 -6.30 32.20
CA GLN A 8 11.26 -4.92 32.66
C GLN A 8 11.19 -3.93 31.50
N GLY A 9 11.41 -4.41 30.28
CA GLY A 9 11.42 -3.54 29.11
C GLY A 9 12.73 -2.82 28.90
N MET A 10 13.82 -3.47 29.25
CA MET A 10 15.15 -2.92 28.98
C MET A 10 15.94 -3.90 28.10
N LEU A 11 17.02 -3.45 27.48
CA LEU A 11 17.85 -4.34 26.67
C LEU A 11 19.32 -4.12 27.06
N GLU A 12 20.05 -5.20 27.28
CA GLU A 12 21.46 -5.09 27.66
C GLU A 12 22.38 -5.47 26.50
N TYR A 13 23.50 -4.77 26.35
CA TYR A 13 24.49 -5.18 25.36
C TYR A 13 25.87 -4.90 25.96
N LYS A 14 26.88 -5.61 25.46
CA LYS A 14 28.26 -5.37 25.92
C LYS A 14 28.80 -4.15 25.18
N ARG A 15 29.62 -3.33 25.83
CA ARG A 15 30.10 -2.10 25.17
C ARG A 15 30.88 -2.42 23.89
N GLU A 16 31.54 -3.58 23.84
CA GLU A 16 32.32 -4.06 22.70
C GLU A 16 31.47 -4.26 21.45
N ASP A 17 30.16 -4.42 21.67
CA ASP A 17 29.22 -4.74 20.60
C ASP A 17 28.45 -3.52 20.15
N GLU A 18 28.78 -2.34 20.66
CA GLU A 18 27.96 -1.15 20.34
C GLU A 18 27.98 -0.83 18.85
N GLN A 19 29.14 -1.00 18.21
CA GLN A 19 29.17 -0.68 16.79
C GLN A 19 28.37 -1.71 15.98
N LYS A 20 28.39 -2.99 16.37
CA LYS A 20 27.55 -3.99 15.69
C LYS A 20 26.09 -3.68 15.96
N LEU A 21 25.74 -3.16 17.14
CA LEU A 21 24.35 -2.81 17.44
C LEU A 21 23.86 -1.78 16.44
N VAL A 22 24.63 -0.69 16.33
CA VAL A 22 24.13 0.38 15.40
C VAL A 22 24.33 0.02 13.94
N LYS A 23 25.24 -0.90 13.62
CA LYS A 23 25.39 -1.37 12.23
C LYS A 23 24.09 -2.08 11.85
N ASN A 24 23.64 -2.96 12.73
CA ASN A 24 22.51 -3.81 12.39
C ASN A 24 21.20 -3.10 12.54
N LEU A 25 21.10 -2.16 13.50
CA LEU A 25 19.82 -1.53 13.76
C LEU A 25 19.62 -0.25 12.93
N ILE A 26 20.72 0.32 12.43
CA ILE A 26 20.63 1.61 11.76
C ILE A 26 21.30 1.55 10.41
N LEU A 27 22.62 1.37 10.40
CA LEU A 27 23.37 1.53 9.13
C LEU A 27 22.91 0.60 8.02
N GLU A 28 22.60 -0.64 8.38
CA GLU A 28 22.25 -1.63 7.37
C GLU A 28 20.80 -2.06 7.43
N LEU A 29 20.00 -1.41 8.28
CA LEU A 29 18.59 -1.81 8.44
C LEU A 29 17.77 -1.39 7.23
N LYS A 30 16.96 -2.31 6.70
CA LYS A 30 16.16 -2.07 5.49
C LYS A 30 14.76 -1.56 5.87
N PRO A 31 14.38 -0.38 5.37
CA PRO A 31 13.05 0.13 5.78
C PRO A 31 11.85 -0.79 5.44
N ARG A 32 12.03 -1.65 4.45
CA ARG A 32 10.99 -2.59 4.06
C ARG A 32 10.98 -3.92 4.85
N GLY A 33 11.76 -4.03 5.92
CA GLY A 33 11.81 -5.34 6.58
C GLY A 33 10.51 -5.68 7.30
N VAL A 34 10.23 -6.96 7.47
CA VAL A 34 8.95 -7.36 8.04
C VAL A 34 8.76 -6.85 9.47
N ALA A 35 9.79 -6.97 10.30
CA ALA A 35 9.68 -6.62 11.71
C ALA A 35 9.36 -5.19 11.96
N VAL A 36 10.09 -4.30 11.30
CA VAL A 36 9.88 -2.89 11.51
C VAL A 36 8.60 -2.39 10.79
N ASN A 37 8.06 -3.19 9.90
CA ASN A 37 6.75 -2.82 9.35
C ASN A 37 5.59 -3.32 10.20
N LEU A 38 5.83 -4.39 10.96
CA LEU A 38 4.79 -4.90 11.86
C LEU A 38 4.68 -3.97 13.05
N ILE A 39 5.84 -3.46 13.50
CA ILE A 39 5.84 -2.49 14.58
C ILE A 39 6.54 -1.25 14.09
N PRO A 40 5.78 -0.25 13.62
CA PRO A 40 6.44 1.01 13.25
C PRO A 40 7.16 1.65 14.40
N GLY A 41 8.34 2.18 14.15
CA GLY A 41 9.14 2.80 15.21
C GLY A 41 9.96 1.77 15.94
N LEU A 42 9.94 0.50 15.51
CA LEU A 42 10.73 -0.47 16.30
C LEU A 42 12.20 -0.10 16.55
N PRO A 43 12.96 0.37 15.55
CA PRO A 43 14.37 0.72 15.86
C PRO A 43 14.46 1.77 16.97
N ALA A 44 13.60 2.79 16.98
CA ALA A 44 13.56 3.81 18.06
C ALA A 44 13.22 3.18 19.44
N TYR A 45 12.24 2.29 19.52
CA TYR A 45 11.91 1.64 20.79
C TYR A 45 13.06 0.80 21.26
N ILE A 46 13.70 0.06 20.34
CA ILE A 46 14.85 -0.78 20.78
C ILE A 46 15.98 0.06 21.23
N LEU A 47 16.31 1.12 20.52
CA LEU A 47 17.39 1.99 21.00
C LEU A 47 17.03 2.60 22.37
N PHE A 48 15.77 2.98 22.59
CA PHE A 48 15.39 3.53 23.87
C PHE A 48 15.52 2.51 24.98
N MET A 49 15.11 1.29 24.70
CA MET A 49 15.23 0.24 25.74
C MET A 49 16.71 0.02 26.12
N CYS A 50 17.59 0.18 25.13
CA CYS A 50 19.05 0.14 25.42
C CYS A 50 19.48 1.33 26.30
N VAL A 51 18.97 2.51 25.97
CA VAL A 51 19.24 3.68 26.80
C VAL A 51 18.77 3.44 28.25
N ARG A 52 17.59 2.81 28.40
CA ARG A 52 17.11 2.48 29.75
C ARG A 52 18.08 1.64 30.54
N HIS A 53 18.67 0.63 29.91
CA HIS A 53 19.53 -0.21 30.70
C HIS A 53 20.82 0.55 31.07
N ALA A 54 21.32 1.39 30.17
CA ALA A 54 22.57 2.12 30.51
C ALA A 54 22.29 3.12 31.65
N ASP A 55 21.11 3.67 31.65
CA ASP A 55 20.61 4.49 32.78
C ASP A 55 20.50 3.69 34.05
N TYR A 56 19.94 2.49 33.97
CA TYR A 56 19.83 1.61 35.13
C TYR A 56 21.16 1.34 35.75
N LEU A 57 22.17 1.14 34.91
CA LEU A 57 23.53 0.88 35.40
C LEU A 57 24.19 2.13 35.94
N ASN A 58 23.54 3.28 35.80
CA ASN A 58 24.15 4.56 36.18
C ASN A 58 25.50 4.78 35.47
N ASP A 59 25.55 4.39 34.20
CA ASP A 59 26.82 4.41 33.46
C ASP A 59 26.81 5.57 32.47
N ASP A 60 27.33 6.73 32.89
CA ASP A 60 27.35 7.97 32.07
CA ASP A 60 27.18 7.89 32.01
C ASP A 60 27.98 7.73 30.73
N GLN A 61 29.12 7.05 30.79
CA GLN A 61 29.94 6.91 29.58
C GLN A 61 29.27 6.01 28.56
N LYS A 62 28.60 4.95 29.02
CA LYS A 62 27.81 4.12 28.12
C LYS A 62 26.62 4.85 27.52
N VAL A 63 25.90 5.66 28.33
CA VAL A 63 24.78 6.45 27.76
C VAL A 63 25.31 7.42 26.69
N ARG A 64 26.40 8.10 27.00
CA ARG A 64 27.00 9.09 26.06
C ARG A 64 27.43 8.38 24.76
N SER A 65 28.07 7.23 24.90
CA SER A 65 28.58 6.49 23.73
C SER A 65 27.42 6.02 22.88
N LEU A 66 26.41 5.43 23.52
CA LEU A 66 25.25 4.96 22.75
C LEU A 66 24.52 6.07 22.00
N LEU A 67 24.29 7.20 22.68
CA LEU A 67 23.62 8.30 22.00
C LEU A 67 24.47 8.83 20.83
N THR A 68 25.78 8.99 21.02
CA THR A 68 26.63 9.48 19.93
C THR A 68 26.63 8.51 18.76
N SER A 69 26.72 7.24 19.08
CA SER A 69 26.77 6.19 18.04
C SER A 69 25.44 6.20 17.28
N THR A 70 24.32 6.33 17.99
CA THR A 70 23.00 6.34 17.38
C THR A 70 22.86 7.55 16.45
N ILE A 71 23.12 8.73 17.00
CA ILE A 71 22.99 9.95 16.16
C ILE A 71 23.92 9.88 14.95
N ASN A 72 25.19 9.55 15.16
CA ASN A 72 26.11 9.51 14.05
C ASN A 72 25.69 8.53 12.98
N SER A 73 25.06 7.42 13.40
CA SER A 73 24.68 6.38 12.44
C SER A 73 23.46 6.85 11.63
N ILE A 74 22.49 7.52 12.29
CA ILE A 74 21.34 8.06 11.54
C ILE A 74 21.86 9.09 10.53
N LYS A 75 22.79 9.95 10.94
CA LYS A 75 23.33 10.97 9.99
C LYS A 75 24.07 10.30 8.81
N LYS A 76 24.75 9.18 9.07
CA LYS A 76 25.53 8.48 8.03
C LYS A 76 24.55 7.91 7.00
N VAL A 77 23.48 7.25 7.47
CA VAL A 77 22.49 6.68 6.54
C VAL A 77 21.91 7.76 5.69
N LEU A 78 21.57 8.90 6.32
CA LEU A 78 20.87 9.95 5.56
C LEU A 78 21.84 10.61 4.60
N LYS A 79 23.11 10.65 4.90
CA LYS A 79 24.09 11.17 3.88
C LYS A 79 24.26 10.19 2.73
N LYS A 80 24.43 8.92 3.04
CA LYS A 80 24.68 7.96 1.97
C LYS A 80 23.47 7.67 1.06
N ARG A 81 22.30 7.59 1.70
CA ARG A 81 21.11 7.20 0.96
C ARG A 81 20.00 8.17 1.13
N GLY A 82 20.35 9.43 1.35
CA GLY A 82 19.32 10.40 1.71
C GLY A 82 18.62 10.98 0.50
N ASP A 83 18.88 10.41 -0.66
CA ASP A 83 18.23 10.79 -1.87
C ASP A 83 17.04 9.89 -2.05
N ASP A 84 16.90 8.91 -1.18
CA ASP A 84 15.84 7.92 -1.29
C ASP A 84 14.69 8.29 -0.35
N PHE A 85 13.50 8.56 -0.92
CA PHE A 85 12.34 8.92 -0.08
C PHE A 85 12.07 7.97 1.07
N GLU A 86 12.01 6.66 0.79
CA GLU A 86 11.65 5.75 1.87
C GLU A 86 12.65 5.77 2.99
N THR A 87 13.93 5.89 2.63
CA THR A 87 14.97 5.96 3.67
C THR A 87 14.80 7.20 4.56
N VAL A 88 14.59 8.34 3.91
CA VAL A 88 14.44 9.57 4.67
C VAL A 88 13.20 9.59 5.53
N SER A 89 12.04 9.21 4.97
CA SER A 89 10.82 9.07 5.76
C SER A 89 11.08 8.17 6.98
N PHE A 90 11.65 7.02 6.74
CA PHE A 90 11.84 6.05 7.79
C PHE A 90 12.67 6.60 8.94
N TRP A 91 13.78 7.24 8.63
CA TRP A 91 14.62 7.78 9.67
C TRP A 91 14.07 9.04 10.30
N LEU A 92 13.30 9.80 9.54
CA LEU A 92 12.64 10.94 10.19
C LEU A 92 11.64 10.43 11.22
N SER A 93 10.88 9.40 10.83
CA SER A 93 9.88 8.82 11.71
CA SER A 93 9.86 8.82 11.72
C SER A 93 10.52 8.25 12.96
N ASN A 94 11.62 7.55 12.77
CA ASN A 94 12.28 6.91 13.92
C ASN A 94 13.05 7.87 14.74
N THR A 95 13.62 8.93 14.17
CA THR A 95 14.24 9.97 14.98
C THR A 95 13.19 10.65 15.86
N CYS A 96 12.05 10.95 15.27
CA CYS A 96 10.93 11.50 16.08
C CYS A 96 10.48 10.55 17.15
N ARG A 97 10.33 9.24 16.87
CA ARG A 97 9.80 8.37 17.90
C ARG A 97 10.83 8.25 19.03
N PHE A 98 12.12 8.28 18.68
CA PHE A 98 13.20 8.17 19.71
C PHE A 98 13.09 9.41 20.61
N LEU A 99 12.90 10.59 20.02
CA LEU A 99 12.71 11.82 20.79
C LEU A 99 11.47 11.74 21.66
N HIS A 100 10.33 11.27 21.12
CA HIS A 100 9.13 11.11 21.94
C HIS A 100 9.40 10.15 23.12
N CYS A 101 10.18 9.10 22.90
CA CYS A 101 10.46 8.15 24.01
C CYS A 101 11.26 8.83 25.06
N LEU A 102 12.26 9.60 24.63
CA LEU A 102 13.09 10.28 25.63
C LEU A 102 12.25 11.28 26.46
N LYS A 103 11.21 11.87 25.86
CA LYS A 103 10.30 12.74 26.65
C LYS A 103 9.33 11.96 27.51
N GLN A 104 8.66 10.98 26.89
CA GLN A 104 7.62 10.19 27.58
C GLN A 104 8.14 9.45 28.81
N TYR A 105 9.41 9.03 28.70
CA TYR A 105 10.05 8.27 29.79
C TYR A 105 11.13 9.08 30.47
N SER A 106 11.01 10.41 30.44
CA SER A 106 12.00 11.26 31.13
C SER A 106 11.77 11.34 32.63
N GLY A 107 10.55 11.05 33.08
CA GLY A 107 10.21 11.25 34.48
C GLY A 107 9.87 12.68 34.79
N GLU A 108 9.76 13.53 33.78
CA GLU A 108 9.26 14.89 33.98
C GLU A 108 7.73 14.95 33.91
N GLU A 109 7.12 15.63 34.87
CA GLU A 109 5.67 15.47 35.06
C GLU A 109 4.89 15.92 33.83
N GLY A 110 5.35 17.00 33.20
CA GLY A 110 4.71 17.52 32.00
C GLY A 110 4.65 16.56 30.83
N PHE A 111 5.53 15.55 30.84
CA PHE A 111 5.54 14.57 29.74
C PHE A 111 4.87 13.25 30.04
N MET A 112 4.28 13.13 31.23
CA MET A 112 3.77 11.85 31.74
C MET A 112 2.25 11.78 31.80
N LYS A 113 1.57 12.80 31.27
CA LYS A 113 0.12 12.98 31.48
C LYS A 113 -0.70 11.88 30.84
N HIS A 114 -0.15 11.28 29.78
CA HIS A 114 -0.86 10.24 29.05
C HIS A 114 -0.29 8.86 29.30
N ASN A 115 0.62 8.73 30.27
CA ASN A 115 1.18 7.44 30.59
C ASN A 115 0.30 6.53 31.44
N THR A 116 0.36 5.22 31.17
CA THR A 116 -0.16 4.25 32.12
C THR A 116 0.74 4.23 33.34
N SER A 117 0.22 3.65 34.42
CA SER A 117 0.99 3.37 35.62
C SER A 117 2.28 2.65 35.29
N ARG A 118 2.17 1.60 34.46
CA ARG A 118 3.33 0.80 34.09
C ARG A 118 4.36 1.62 33.31
N GLN A 119 3.88 2.47 32.40
CA GLN A 119 4.82 3.29 31.66
C GLN A 119 5.57 4.26 32.55
N ASN A 120 4.93 4.78 33.59
CA ASN A 120 5.67 5.65 34.51
C ASN A 120 6.78 4.92 35.23
N GLU A 121 6.54 3.63 35.53
CA GLU A 121 7.59 2.78 36.14
C GLU A 121 8.83 2.60 35.24
N HIS A 122 8.69 2.92 33.95
CA HIS A 122 9.76 2.75 32.94
C HIS A 122 10.54 4.04 32.74
N CYS A 123 10.24 5.11 33.48
CA CYS A 123 11.02 6.33 33.31
CA CYS A 123 11.02 6.34 33.32
C CYS A 123 12.49 6.16 33.67
N LEU A 124 13.36 6.92 32.99
CA LEU A 124 14.76 6.97 33.42
C LEU A 124 14.90 7.41 34.88
N THR A 125 15.93 6.90 35.58
CA THR A 125 16.03 7.24 36.99
C THR A 125 17.33 7.95 37.35
N ASN A 126 18.34 7.87 36.49
CA ASN A 126 19.61 8.45 36.81
C ASN A 126 20.03 9.65 35.96
N PHE A 127 19.56 9.73 34.70
CA PHE A 127 20.06 10.78 33.81
C PHE A 127 18.95 11.62 33.24
N ASP A 128 19.21 12.93 33.24
CA ASP A 128 18.38 13.91 32.53
C ASP A 128 19.02 14.07 31.18
N LEU A 129 18.28 13.66 30.14
CA LEU A 129 18.85 13.70 28.75
C LEU A 129 18.31 14.85 27.96
N ALA A 130 17.93 15.94 28.62
CA ALA A 130 17.42 17.09 27.91
C ALA A 130 18.35 17.65 26.82
N GLU A 131 19.65 17.58 27.04
CA GLU A 131 20.57 18.12 25.99
C GLU A 131 20.52 17.28 24.73
N TYR A 132 20.35 15.97 24.87
CA TYR A 132 20.19 15.12 23.69
C TYR A 132 18.80 15.28 23.02
N ARG A 133 17.76 15.50 23.82
CA ARG A 133 16.43 15.79 23.24
C ARG A 133 16.54 17.04 22.35
N GLN A 134 17.30 18.05 22.80
CA GLN A 134 17.42 19.26 22.01
C GLN A 134 18.23 19.00 20.74
N VAL A 135 19.29 18.24 20.85
CA VAL A 135 20.05 17.81 19.65
C VAL A 135 19.09 17.12 18.66
N LEU A 136 18.30 16.15 19.14
CA LEU A 136 17.38 15.40 18.25
C LEU A 136 16.33 16.27 17.60
N SER A 137 15.80 17.23 18.36
CA SER A 137 14.82 18.16 17.82
CA SER A 137 14.78 18.10 17.78
C SER A 137 15.44 19.02 16.75
N ASP A 138 16.63 19.50 17.02
CA ASP A 138 17.33 20.32 16.01
C ASP A 138 17.64 19.48 14.75
N LEU A 139 18.03 18.22 14.92
CA LEU A 139 18.31 17.33 13.78
C LEU A 139 17.04 17.05 13.00
N ALA A 140 15.94 16.83 13.71
CA ALA A 140 14.63 16.52 13.05
C ALA A 140 14.25 17.63 12.14
N ILE A 141 14.46 18.89 12.53
CA ILE A 141 14.18 20.00 11.58
C ILE A 141 14.94 19.82 10.25
N GLN A 142 16.21 19.49 10.29
CA GLN A 142 17.05 19.36 9.09
C GLN A 142 16.67 18.11 8.31
N ILE A 143 16.30 17.03 9.00
CA ILE A 143 15.92 15.79 8.30
C ILE A 143 14.57 16.06 7.56
N TYR A 144 13.66 16.78 8.23
CA TYR A 144 12.40 17.17 7.54
C TYR A 144 12.71 18.01 6.32
N GLN A 145 13.63 18.96 6.39
CA GLN A 145 13.94 19.76 5.20
C GLN A 145 14.47 18.86 4.06
N GLN A 146 15.30 17.88 4.42
CA GLN A 146 15.83 16.91 3.45
C GLN A 146 14.63 16.15 2.80
N LEU A 147 13.71 15.66 3.61
CA LEU A 147 12.50 14.96 3.08
C LEU A 147 11.72 15.82 2.10
N VAL A 148 11.49 17.10 2.48
CA VAL A 148 10.73 18.00 1.61
C VAL A 148 11.45 18.11 0.27
N ARG A 149 12.77 18.26 0.26
CA ARG A 149 13.49 18.41 -1.00
C ARG A 149 13.46 17.13 -1.84
N VAL A 150 13.50 15.98 -1.19
CA VAL A 150 13.39 14.70 -1.94
C VAL A 150 12.00 14.58 -2.58
N LEU A 151 10.95 14.88 -1.82
CA LEU A 151 9.59 14.80 -2.37
C LEU A 151 9.45 15.82 -3.50
N GLU A 152 9.98 17.06 -3.33
CA GLU A 152 9.91 18.08 -4.38
C GLU A 152 10.59 17.56 -5.65
N ASN A 153 11.79 17.00 -5.53
CA ASN A 153 12.48 16.55 -6.73
C ASN A 153 11.69 15.47 -7.49
N ILE A 154 10.98 14.61 -6.76
CA ILE A 154 10.16 13.58 -7.38
C ILE A 154 8.95 14.23 -8.08
N LEU A 155 8.29 15.19 -7.43
CA LEU A 155 7.08 15.78 -8.03
C LEU A 155 7.36 16.73 -9.17
N GLN A 156 8.47 17.42 -9.07
CA GLN A 156 8.73 18.53 -9.96
C GLN A 156 8.53 18.22 -11.47
N PRO A 157 8.98 17.10 -12.00
CA PRO A 157 8.76 16.84 -13.43
C PRO A 157 7.32 16.58 -13.80
N MET A 158 6.47 16.33 -12.85
CA MET A 158 5.10 16.02 -13.11
C MET A 158 4.14 17.20 -13.05
N ILE A 159 4.54 18.22 -12.34
CA ILE A 159 3.65 19.33 -12.04
C ILE A 159 3.08 20.11 -13.21
N VAL A 160 3.93 20.66 -14.04
CA VAL A 160 3.40 21.47 -15.13
C VAL A 160 2.65 20.62 -16.11
N SER A 161 3.19 19.44 -16.45
CA SER A 161 2.48 18.57 -17.38
C SER A 161 1.10 18.21 -16.83
N GLY A 162 1.05 17.78 -15.59
CA GLY A 162 -0.20 17.33 -15.05
C GLY A 162 -1.17 18.41 -14.64
N MET A 163 -0.67 19.55 -14.18
CA MET A 163 -1.59 20.62 -13.75
C MET A 163 -2.00 21.57 -14.91
N LEU A 164 -1.14 21.70 -15.91
CA LEU A 164 -1.37 22.73 -16.97
C LEU A 164 -1.42 22.23 -18.39
N GLU A 165 -0.56 21.29 -18.77
CA GLU A 165 -0.44 21.02 -20.17
C GLU A 165 -1.43 20.00 -20.61
N HIS A 166 -1.71 19.04 -19.76
CA HIS A 166 -2.62 17.95 -20.09
C HIS A 166 -4.02 18.48 -20.01
N GLU A 167 -4.71 18.48 -21.15
CA GLU A 167 -6.08 18.98 -21.20
C GLU A 167 -7.10 17.90 -20.84
N THR A 168 -8.08 18.25 -20.01
CA THR A 168 -9.22 17.37 -19.81
C THR A 168 -10.51 18.22 -19.75
N ILE A 169 -11.62 17.47 -19.84
CA ILE A 169 -12.97 18.00 -19.64
C ILE A 169 -13.47 17.48 -18.32
N GLN A 170 -13.35 18.24 -17.24
CA GLN A 170 -13.57 17.69 -15.88
C GLN A 170 -12.95 16.30 -15.72
N GLY A 171 -11.66 16.20 -16.08
CA GLY A 171 -10.97 14.94 -15.94
C GLY A 171 -11.05 13.91 -17.03
N VAL A 172 -11.95 14.13 -18.00
CA VAL A 172 -12.20 13.17 -19.03
C VAL A 172 -11.44 13.58 -20.28
N SER A 173 -10.88 12.62 -21.03
CA SER A 173 -10.22 13.04 -22.26
C SER A 173 -11.21 13.71 -23.23
N GLY A 174 -10.80 14.82 -23.83
CA GLY A 174 -11.62 15.49 -24.82
C GLY A 174 -11.23 15.22 -26.27
N VAL A 175 -12.10 15.60 -27.18
CA VAL A 175 -11.81 15.47 -28.61
C VAL A 175 -10.75 16.49 -29.06
N LYS A 176 -10.95 17.77 -28.72
CA LYS A 176 -10.02 18.83 -29.14
C LYS A 176 -9.75 18.81 -30.67
N THR A 192 3.27 11.09 -21.06
CA THR A 192 3.39 12.37 -20.37
C THR A 192 2.63 12.33 -19.03
N TYR A 193 2.96 13.23 -18.11
CA TYR A 193 2.29 13.12 -16.82
C TYR A 193 0.96 13.82 -16.84
N THR A 194 0.02 13.22 -16.11
CA THR A 194 -1.35 13.75 -16.00
C THR A 194 -1.64 14.17 -14.58
N LEU A 195 -2.81 14.71 -14.31
CA LEU A 195 -3.25 14.98 -12.95
C LEU A 195 -3.25 13.66 -12.17
N ASP A 196 -3.68 12.59 -12.79
CA ASP A 196 -3.72 11.30 -12.10
CA ASP A 196 -3.72 11.33 -12.07
C ASP A 196 -2.33 10.87 -11.64
N SER A 197 -1.32 11.14 -12.48
CA SER A 197 0.09 10.89 -12.09
C SER A 197 0.42 11.54 -10.78
N ILE A 198 0.06 12.81 -10.64
CA ILE A 198 0.32 13.56 -9.40
C ILE A 198 -0.41 12.96 -8.22
N LEU A 199 -1.69 12.65 -8.42
CA LEU A 199 -2.45 12.07 -7.33
C LEU A 199 -1.89 10.69 -6.92
N ARG A 200 -1.48 9.86 -7.90
CA ARG A 200 -0.93 8.54 -7.53
C ARG A 200 0.38 8.73 -6.78
N GLN A 201 1.14 9.74 -7.18
CA GLN A 201 2.40 9.97 -6.46
C GLN A 201 2.16 10.50 -5.03
N LEU A 202 1.19 11.38 -4.86
CA LEU A 202 0.83 11.79 -3.49
C LEU A 202 0.35 10.60 -2.68
N ASN A 203 -0.47 9.75 -3.29
CA ASN A 203 -0.87 8.50 -2.64
C ASN A 203 0.32 7.68 -2.12
N SER A 204 1.33 7.55 -2.97
CA SER A 204 2.51 6.77 -2.59
CA SER A 204 2.53 6.79 -2.60
C SER A 204 3.22 7.39 -1.42
N PHE A 205 3.43 8.72 -1.47
CA PHE A 205 4.10 9.42 -0.33
C PHE A 205 3.31 9.20 0.94
N HIS A 206 2.00 9.36 0.89
CA HIS A 206 1.17 9.22 2.10
C HIS A 206 1.16 7.80 2.65
N SER A 207 1.11 6.80 1.76
CA SER A 207 1.11 5.42 2.20
CA SER A 207 1.14 5.41 2.17
C SER A 207 2.43 5.07 2.92
N VAL A 208 3.52 5.50 2.33
CA VAL A 208 4.86 5.22 2.93
C VAL A 208 4.96 5.90 4.29
N MET A 209 4.59 7.18 4.41
CA MET A 209 4.69 7.85 5.73
C MET A 209 3.86 7.10 6.75
N CYS A 210 2.65 6.69 6.35
CA CYS A 210 1.82 5.93 7.31
C CYS A 210 2.43 4.59 7.66
N GLN A 211 3.01 3.88 6.69
CA GLN A 211 3.62 2.57 6.97
C GLN A 211 4.77 2.73 7.99
N HIS A 212 5.42 3.88 7.95
CA HIS A 212 6.59 4.13 8.84
C HIS A 212 6.18 4.64 10.21
N GLY A 213 4.89 4.84 10.42
CA GLY A 213 4.39 5.35 11.66
C GLY A 213 4.72 6.80 11.92
N MET A 214 4.86 7.57 10.84
CA MET A 214 5.16 9.00 11.04
C MET A 214 4.03 9.65 11.85
N ASP A 215 4.36 10.64 12.68
CA ASP A 215 3.30 11.29 13.51
C ASP A 215 2.21 11.87 12.59
N PRO A 216 0.95 11.67 12.98
CA PRO A 216 -0.07 12.35 12.17
C PRO A 216 0.10 13.83 12.05
N GLU A 217 0.54 14.52 13.10
CA GLU A 217 0.73 15.97 13.02
C GLU A 217 1.88 16.33 12.08
N LEU A 218 2.84 15.41 11.88
CA LEU A 218 3.95 15.64 10.96
C LEU A 218 3.52 15.36 9.50
N ILE A 219 2.77 14.27 9.30
CA ILE A 219 2.19 14.01 7.99
C ILE A 219 1.38 15.22 7.55
N LYS A 220 0.59 15.83 8.43
CA LYS A 220 -0.18 17.03 8.04
CA LYS A 220 -0.19 17.02 8.02
C LYS A 220 0.72 18.12 7.49
N GLN A 221 1.85 18.34 8.19
CA GLN A 221 2.79 19.35 7.72
C GLN A 221 3.45 19.01 6.40
N VAL A 222 3.79 17.75 6.20
CA VAL A 222 4.40 17.33 4.98
C VAL A 222 3.44 17.60 3.82
N VAL A 223 2.19 17.20 4.04
CA VAL A 223 1.17 17.37 2.97
C VAL A 223 0.93 18.86 2.70
N LYS A 224 0.84 19.69 3.70
CA LYS A 224 0.72 21.14 3.45
C LYS A 224 1.88 21.68 2.64
N GLN A 225 3.10 21.29 3.00
CA GLN A 225 4.23 21.73 2.25
C GLN A 225 4.23 21.25 0.79
N MET A 226 3.80 20.00 0.53
CA MET A 226 3.75 19.43 -0.81
CA MET A 226 3.89 19.57 -0.86
C MET A 226 2.74 20.20 -1.66
N PHE A 227 1.58 20.46 -1.06
CA PHE A 227 0.54 21.23 -1.79
C PHE A 227 1.11 22.63 -2.10
N TYR A 228 1.82 23.25 -1.18
CA TYR A 228 2.36 24.59 -1.42
C TYR A 228 3.29 24.55 -2.65
N ILE A 229 4.15 23.52 -2.71
CA ILE A 229 5.06 23.34 -3.82
C ILE A 229 4.32 23.15 -5.16
N VAL A 230 3.28 22.31 -5.17
CA VAL A 230 2.52 22.06 -6.39
C VAL A 230 1.90 23.39 -6.84
N GLY A 231 1.32 24.13 -5.91
CA GLY A 231 0.68 25.41 -6.31
C GLY A 231 1.65 26.45 -6.82
N ALA A 232 2.80 26.54 -6.16
CA ALA A 232 3.78 27.54 -6.51
C ALA A 232 4.51 27.23 -7.81
N ILE A 233 4.89 25.97 -8.02
CA ILE A 233 5.47 25.61 -9.31
C ILE A 233 4.46 25.85 -10.45
N THR A 234 3.21 25.47 -10.20
CA THR A 234 2.17 25.68 -11.21
C THR A 234 1.99 27.17 -11.51
N LEU A 235 1.72 27.98 -10.50
CA LEU A 235 1.51 29.42 -10.79
C LEU A 235 2.75 30.06 -11.40
N ASN A 236 3.96 29.75 -10.93
CA ASN A 236 5.14 30.39 -11.56
C ASN A 236 5.27 30.04 -13.02
N ASN A 237 4.95 28.80 -13.37
CA ASN A 237 5.07 28.38 -14.74
C ASN A 237 4.03 29.13 -15.60
N LEU A 238 2.81 29.28 -15.08
CA LEU A 238 1.77 30.05 -15.76
C LEU A 238 2.21 31.50 -16.02
N LEU A 239 2.95 32.07 -15.07
CA LEU A 239 3.34 33.50 -15.13
C LEU A 239 4.48 33.75 -16.13
N LEU A 240 5.18 32.66 -16.52
CA LEU A 240 6.43 32.74 -17.29
C LEU A 240 6.23 32.33 -18.74
N ARG A 241 5.03 31.90 -19.11
CA ARG A 241 4.81 31.49 -20.49
C ARG A 241 3.68 32.26 -21.09
N LYS A 242 3.46 32.07 -22.38
CA LYS A 242 2.50 32.98 -23.03
C LYS A 242 1.12 32.37 -23.27
N ASP A 243 0.97 31.07 -22.97
CA ASP A 243 -0.15 30.28 -23.49
C ASP A 243 -1.09 29.69 -22.46
N MET A 244 -0.91 30.00 -21.18
CA MET A 244 -1.73 29.37 -20.15
C MET A 244 -2.78 30.30 -19.56
N CYS A 245 -2.88 31.53 -20.07
CA CYS A 245 -3.87 32.47 -19.48
C CYS A 245 -5.06 32.63 -20.40
N SER A 246 -6.03 31.73 -20.25
CA SER A 246 -7.24 31.75 -21.08
C SER A 246 -8.40 31.27 -20.21
N TRP A 247 -9.61 31.50 -20.69
CA TRP A 247 -10.82 31.03 -19.98
C TRP A 247 -10.73 29.53 -19.82
N SER A 248 -10.34 28.89 -20.90
CA SER A 248 -10.29 27.42 -20.92
CA SER A 248 -10.30 27.44 -20.90
C SER A 248 -9.33 26.87 -19.89
N LYS A 249 -8.17 27.51 -19.79
CA LYS A 249 -7.17 27.00 -18.84
C LYS A 249 -7.59 27.28 -17.42
N GLY A 250 -8.28 28.39 -17.18
CA GLY A 250 -8.78 28.67 -15.85
C GLY A 250 -9.75 27.58 -15.39
N MET A 251 -10.63 27.15 -16.29
CA MET A 251 -11.55 26.06 -15.99
C MET A 251 -10.78 24.81 -15.62
N GLN A 252 -9.76 24.50 -16.43
CA GLN A 252 -8.94 23.29 -16.19
C GLN A 252 -8.27 23.35 -14.83
N ILE A 253 -7.66 24.49 -14.52
CA ILE A 253 -6.96 24.63 -13.23
C ILE A 253 -7.94 24.50 -12.06
N ARG A 254 -9.14 25.12 -12.16
CA ARG A 254 -10.16 25.01 -11.13
C ARG A 254 -10.56 23.56 -10.94
N TYR A 255 -10.68 22.80 -12.02
CA TYR A 255 -11.02 21.37 -11.88
C TYR A 255 -9.85 20.64 -11.17
N ASN A 256 -8.64 20.90 -11.63
CA ASN A 256 -7.52 20.20 -11.02
C ASN A 256 -7.37 20.46 -9.59
N VAL A 257 -7.54 21.71 -9.16
CA VAL A 257 -7.51 22.02 -7.74
C VAL A 257 -8.64 21.32 -6.97
N SER A 258 -9.83 21.21 -7.55
CA SER A 258 -10.93 20.55 -6.88
C SER A 258 -10.58 19.10 -6.65
N GLN A 259 -9.79 18.48 -7.53
CA GLN A 259 -9.43 17.06 -7.27
C GLN A 259 -8.36 16.95 -6.19
N LEU A 260 -7.48 17.95 -6.10
CA LEU A 260 -6.50 17.97 -4.99
C LEU A 260 -7.25 18.15 -3.67
N GLU A 261 -8.31 18.94 -3.66
CA GLU A 261 -9.12 19.13 -2.43
C GLU A 261 -9.81 17.82 -2.09
N GLU A 262 -10.31 17.11 -3.12
CA GLU A 262 -10.98 15.81 -2.83
C GLU A 262 -10.00 14.81 -2.26
N TRP A 263 -8.75 14.84 -2.73
CA TRP A 263 -7.71 13.96 -2.19
C TRP A 263 -7.53 14.22 -0.71
N LEU A 264 -7.49 15.51 -0.32
CA LEU A 264 -7.41 15.82 1.11
C LEU A 264 -8.57 15.26 1.89
N ARG A 265 -9.78 15.37 1.35
CA ARG A 265 -11.00 14.90 2.03
C ARG A 265 -10.95 13.40 2.17
N ASP A 266 -10.52 12.71 1.12
CA ASP A 266 -10.36 11.22 1.20
C ASP A 266 -9.36 10.77 2.25
N LYS A 267 -8.37 11.58 2.52
CA LYS A 267 -7.27 11.23 3.44
C LYS A 267 -7.58 11.81 4.84
N ASN A 268 -8.73 12.44 4.98
CA ASN A 268 -9.13 13.14 6.21
C ASN A 268 -8.11 14.18 6.60
N LEU A 269 -7.63 14.97 5.60
CA LEU A 269 -6.51 15.91 5.83
C LEU A 269 -6.94 17.34 5.58
N MET A 270 -8.23 17.62 5.51
CA MET A 270 -8.64 19.01 5.26
C MET A 270 -8.16 20.03 6.31
N ASN A 271 -7.92 19.61 7.55
CA ASN A 271 -7.42 20.53 8.57
C ASN A 271 -5.90 20.69 8.62
N SER A 272 -5.20 20.17 7.60
CA SER A 272 -3.75 20.32 7.51
C SER A 272 -3.30 21.71 7.13
N GLY A 273 -4.22 22.52 6.58
CA GLY A 273 -3.81 23.77 5.96
C GLY A 273 -3.39 23.66 4.50
N ALA A 274 -3.37 22.44 3.96
CA ALA A 274 -2.85 22.22 2.62
C ALA A 274 -3.70 22.95 1.57
N LYS A 275 -5.02 22.93 1.74
CA LYS A 275 -5.86 23.54 0.66
C LYS A 275 -5.58 25.04 0.61
N GLU A 276 -5.41 25.67 1.76
CA GLU A 276 -5.20 27.14 1.80
C GLU A 276 -3.92 27.57 1.08
N THR A 277 -2.90 26.69 1.01
CA THR A 277 -1.64 27.06 0.35
C THR A 277 -1.82 27.27 -1.13
N LEU A 278 -2.93 26.78 -1.71
CA LEU A 278 -3.20 26.85 -3.13
C LEU A 278 -3.91 28.16 -3.48
N GLU A 279 -4.20 28.99 -2.48
CA GLU A 279 -4.97 30.22 -2.80
C GLU A 279 -4.41 31.13 -3.89
N PRO A 280 -3.09 31.37 -3.97
CA PRO A 280 -2.63 32.18 -5.12
C PRO A 280 -2.98 31.55 -6.48
N LEU A 281 -2.77 30.23 -6.68
CA LEU A 281 -3.15 29.61 -7.93
C LEU A 281 -4.65 29.66 -8.15
N ILE A 282 -5.44 29.43 -7.11
CA ILE A 282 -6.90 29.50 -7.18
C ILE A 282 -7.32 30.91 -7.66
N GLN A 283 -6.73 31.92 -7.04
CA GLN A 283 -7.12 33.32 -7.43
C GLN A 283 -6.64 33.65 -8.84
N ALA A 284 -5.47 33.16 -9.25
CA ALA A 284 -5.06 33.41 -10.65
C ALA A 284 -6.05 32.75 -11.60
N ALA A 285 -6.48 31.51 -11.30
CA ALA A 285 -7.46 30.89 -12.17
C ALA A 285 -8.79 31.62 -12.20
N GLN A 286 -9.18 32.17 -11.06
CA GLN A 286 -10.43 32.95 -10.98
C GLN A 286 -10.27 34.22 -11.83
N LEU A 287 -9.09 34.84 -11.81
CA LEU A 287 -8.87 36.02 -12.66
C LEU A 287 -9.10 35.71 -14.16
N LEU A 288 -8.83 34.46 -14.58
CA LEU A 288 -9.08 34.03 -15.95
C LEU A 288 -10.58 33.95 -16.26
N GLN A 289 -11.42 33.93 -15.23
CA GLN A 289 -12.84 33.77 -15.45
C GLN A 289 -13.66 35.04 -15.24
N VAL A 290 -13.13 35.91 -14.42
CA VAL A 290 -13.96 37.05 -14.00
C VAL A 290 -14.13 38.08 -15.13
N LYS A 291 -15.14 38.94 -14.99
CA LYS A 291 -15.34 40.06 -15.91
C LYS A 291 -14.16 41.06 -15.77
N LYS A 292 -13.69 41.64 -16.87
CA LYS A 292 -12.48 42.40 -16.92
C LYS A 292 -12.63 43.71 -17.72
N LYS A 293 -13.74 44.41 -17.50
CA LYS A 293 -14.03 45.59 -18.34
C LYS A 293 -14.27 46.89 -17.57
N THR A 294 -15.11 46.79 -16.56
CA THR A 294 -15.62 48.00 -15.91
C THR A 294 -14.89 48.32 -14.60
N ASP A 295 -15.13 49.53 -14.10
CA ASP A 295 -14.53 49.87 -12.82
C ASP A 295 -15.08 48.97 -11.67
N ASP A 296 -16.36 48.61 -11.69
CA ASP A 296 -16.79 47.58 -10.73
C ASP A 296 -16.03 46.26 -10.90
N ASP A 297 -15.81 45.82 -12.14
CA ASP A 297 -14.97 44.61 -12.35
C ASP A 297 -13.56 44.77 -11.74
N ALA A 298 -12.98 45.96 -11.92
CA ALA A 298 -11.68 46.21 -11.32
C ALA A 298 -11.70 46.16 -9.82
N GLU A 299 -12.71 46.77 -9.18
CA GLU A 299 -12.79 46.73 -7.72
C GLU A 299 -12.93 45.30 -7.26
N ALA A 300 -13.74 44.55 -8.00
CA ALA A 300 -13.92 43.12 -7.59
C ALA A 300 -12.62 42.34 -7.67
N ILE A 301 -11.82 42.57 -8.70
CA ILE A 301 -10.50 41.93 -8.79
C ILE A 301 -9.60 42.33 -7.62
N CYS A 302 -9.62 43.61 -7.27
CA CYS A 302 -8.75 44.02 -6.18
C CYS A 302 -9.16 43.40 -4.85
N SER A 303 -10.47 43.23 -4.61
CA SER A 303 -10.90 42.56 -3.37
C SER A 303 -10.67 41.06 -3.40
N MET A 304 -10.82 40.44 -4.55
CA MET A 304 -10.68 38.98 -4.72
CA MET A 304 -10.71 38.98 -4.65
C MET A 304 -9.25 38.49 -4.61
N CYS A 305 -8.33 39.28 -5.17
CA CYS A 305 -6.95 38.79 -5.33
C CYS A 305 -6.04 39.14 -4.16
N ASN A 306 -6.48 38.82 -2.96
CA ASN A 306 -5.70 39.16 -1.80
C ASN A 306 -4.52 38.24 -1.54
N ALA A 307 -4.35 37.18 -2.34
CA ALA A 307 -3.17 36.31 -2.20
C ALA A 307 -2.23 36.43 -3.42
N LEU A 308 -2.48 37.40 -4.31
CA LEU A 308 -1.60 37.65 -5.47
C LEU A 308 -0.99 39.02 -5.31
N THR A 309 0.29 39.17 -5.71
CA THR A 309 0.85 40.51 -5.68
C THR A 309 0.32 41.30 -6.87
N THR A 310 0.48 42.62 -6.83
CA THR A 310 0.10 43.44 -7.94
C THR A 310 0.74 42.95 -9.22
N ALA A 311 2.03 42.65 -9.16
CA ALA A 311 2.72 42.21 -10.37
C ALA A 311 2.15 40.95 -10.94
N GLN A 312 1.69 40.05 -10.07
CA GLN A 312 1.09 38.79 -10.52
C GLN A 312 -0.26 39.05 -11.18
N ILE A 313 -1.04 39.94 -10.55
CA ILE A 313 -2.36 40.23 -11.17
C ILE A 313 -2.18 40.84 -12.52
N VAL A 314 -1.26 41.83 -12.60
CA VAL A 314 -1.01 42.54 -13.87
C VAL A 314 -0.49 41.57 -14.93
N LYS A 315 0.37 40.64 -14.55
CA LYS A 315 0.89 39.67 -15.51
C LYS A 315 -0.23 38.84 -16.10
N VAL A 316 -1.09 38.28 -15.26
CA VAL A 316 -2.16 37.43 -15.77
C VAL A 316 -3.05 38.21 -16.71
N LEU A 317 -3.38 39.46 -16.32
CA LEU A 317 -4.28 40.25 -17.20
C LEU A 317 -3.60 40.59 -18.51
N ASN A 318 -2.28 40.81 -18.50
CA ASN A 318 -1.56 41.10 -19.75
C ASN A 318 -1.45 39.89 -20.67
N LEU A 319 -1.31 38.70 -20.06
CA LEU A 319 -1.18 37.46 -20.81
C LEU A 319 -2.54 36.96 -21.33
N TYR A 320 -3.63 37.38 -20.72
CA TYR A 320 -4.94 36.80 -21.02
C TYR A 320 -5.24 36.81 -22.53
N THR A 321 -5.58 35.63 -23.06
CA THR A 321 -5.97 35.41 -24.45
C THR A 321 -7.48 35.41 -24.62
N PRO A 322 -8.01 36.26 -25.52
CA PRO A 322 -9.44 36.32 -25.77
C PRO A 322 -9.99 34.97 -26.17
N VAL A 323 -11.23 34.75 -25.77
CA VAL A 323 -11.88 33.47 -25.91
C VAL A 323 -12.25 33.21 -27.36
N ASN A 324 -12.45 34.27 -28.12
CA ASN A 324 -12.56 34.16 -29.59
C ASN A 324 -12.15 35.47 -30.25
N GLU A 325 -12.40 35.59 -31.55
CA GLU A 325 -12.04 36.79 -32.32
C GLU A 325 -12.88 38.01 -31.95
N PHE A 326 -13.99 37.79 -31.24
CA PHE A 326 -14.90 38.90 -30.91
C PHE A 326 -14.46 39.65 -29.65
N GLU A 327 -13.65 38.99 -28.83
CA GLU A 327 -13.24 39.58 -27.57
C GLU A 327 -11.91 40.34 -27.73
N GLU A 328 -11.85 41.54 -27.15
CA GLU A 328 -10.61 42.31 -27.15
C GLU A 328 -9.69 41.82 -26.04
N ARG A 329 -8.40 42.06 -26.19
CA ARG A 329 -7.52 41.76 -25.07
C ARG A 329 -7.90 42.70 -23.92
N VAL A 330 -7.47 42.39 -22.69
CA VAL A 330 -7.77 43.29 -21.58
C VAL A 330 -7.14 44.67 -21.90
N SER A 331 -7.83 45.78 -21.65
CA SER A 331 -7.23 47.02 -22.11
C SER A 331 -6.19 47.46 -21.12
N VAL A 332 -5.21 48.17 -21.65
CA VAL A 332 -4.12 48.68 -20.86
C VAL A 332 -4.66 49.63 -19.76
N SER A 333 -5.69 50.38 -20.08
CA SER A 333 -6.26 51.34 -19.13
CA SER A 333 -6.23 51.32 -19.10
C SER A 333 -6.89 50.63 -17.95
N PHE A 334 -7.46 49.44 -18.19
CA PHE A 334 -8.07 48.62 -17.14
C PHE A 334 -6.98 48.09 -16.22
N ILE A 335 -5.92 47.56 -16.84
CA ILE A 335 -4.75 47.10 -16.07
C ILE A 335 -4.17 48.26 -15.24
N ARG A 336 -4.09 49.46 -15.82
CA ARG A 336 -3.54 50.63 -15.09
C ARG A 336 -4.47 50.96 -13.88
N THR A 337 -5.77 50.83 -14.08
CA THR A 337 -6.70 51.12 -12.98
C THR A 337 -6.39 50.16 -11.80
N ILE A 338 -6.20 48.90 -12.12
CA ILE A 338 -5.87 47.95 -11.04
C ILE A 338 -4.54 48.30 -10.38
N GLN A 339 -3.54 48.61 -11.17
CA GLN A 339 -2.23 49.03 -10.61
C GLN A 339 -2.41 50.24 -9.68
N MET A 340 -3.20 51.21 -10.13
CA MET A 340 -3.37 52.43 -9.34
C MET A 340 -4.14 52.19 -8.09
N ARG A 341 -5.14 51.31 -8.15
CA ARG A 341 -5.91 51.15 -6.94
CA ARG A 341 -5.99 50.95 -7.00
C ARG A 341 -5.23 50.22 -5.93
N LEU A 342 -4.18 49.50 -6.37
CA LEU A 342 -3.38 48.68 -5.40
C LEU A 342 -2.14 49.39 -4.93
N ARG A 343 -1.95 50.66 -5.27
CA ARG A 343 -0.73 51.34 -4.82
C ARG A 343 -0.55 51.35 -3.30
N ASP A 344 -1.66 51.36 -2.57
CA ASP A 344 -1.62 51.41 -1.10
C ASP A 344 -0.99 50.16 -0.52
N ARG A 345 -0.90 49.10 -1.33
CA ARG A 345 -0.21 47.90 -0.84
C ARG A 345 1.26 48.14 -0.55
N LYS A 346 1.78 47.43 0.42
CA LYS A 346 3.22 47.45 0.64
C LYS A 346 3.72 46.31 -0.22
N ASP A 347 3.15 46.22 -1.43
CA ASP A 347 3.24 45.02 -2.23
C ASP A 347 4.64 44.73 -2.71
N SER A 348 5.06 43.48 -2.53
CA SER A 348 6.31 43.02 -3.09
C SER A 348 6.25 43.07 -4.61
N PRO A 349 7.27 43.64 -5.26
CA PRO A 349 7.31 43.72 -6.72
C PRO A 349 7.67 42.38 -7.37
N GLN A 350 7.79 41.34 -6.52
CA GLN A 350 8.11 39.99 -6.98
C GLN A 350 7.02 39.48 -7.90
N LEU A 351 7.48 38.93 -9.02
CA LEU A 351 6.55 38.28 -9.92
C LEU A 351 6.37 36.85 -9.45
N LEU A 352 7.45 36.16 -9.15
CA LEU A 352 7.30 34.71 -8.85
C LEU A 352 7.09 34.41 -7.35
N MET A 353 6.28 33.37 -7.07
CA MET A 353 6.21 32.83 -5.72
C MET A 353 7.54 32.22 -5.36
N ASP A 354 7.90 32.27 -4.08
CA ASP A 354 9.08 31.61 -3.61
C ASP A 354 8.78 30.13 -3.43
N ALA A 355 9.10 29.33 -4.45
CA ALA A 355 8.67 27.93 -4.46
C ALA A 355 9.54 27.11 -3.53
N LYS A 356 10.61 27.70 -3.05
CA LYS A 356 11.50 27.07 -2.07
C LYS A 356 11.19 27.32 -0.61
N HIS A 357 10.21 28.14 -0.32
CA HIS A 357 9.83 28.38 1.06
C HIS A 357 9.45 27.10 1.75
N ILE A 358 9.96 26.93 2.97
CA ILE A 358 9.51 25.80 3.79
C ILE A 358 8.90 26.40 5.06
N PHE A 359 7.64 26.12 5.32
CA PHE A 359 6.93 26.54 6.52
C PHE A 359 7.66 25.94 7.74
N PRO A 360 7.92 26.74 8.76
CA PRO A 360 8.62 26.20 9.96
C PRO A 360 7.91 24.98 10.56
N VAL A 361 8.65 23.89 10.74
CA VAL A 361 8.09 22.60 11.12
C VAL A 361 8.15 22.49 12.64
N THR A 362 7.16 21.78 13.19
CA THR A 362 7.20 21.48 14.62
C THR A 362 6.98 20.00 14.86
N PHE A 363 7.42 19.55 16.05
CA PHE A 363 7.27 18.12 16.38
C PHE A 363 6.56 17.98 17.74
N PRO A 364 5.24 18.29 17.79
CA PRO A 364 4.54 18.26 19.10
C PRO A 364 4.68 16.85 19.69
N PHE A 365 4.84 16.81 20.99
CA PHE A 365 5.00 15.56 21.72
C PHE A 365 3.86 14.59 21.38
N ASN A 366 4.20 13.34 21.01
CA ASN A 366 3.23 12.33 20.66
C ASN A 366 3.50 11.05 21.44
N PRO A 367 3.04 11.01 22.69
CA PRO A 367 3.33 9.78 23.45
C PRO A 367 2.62 8.60 22.85
N SER A 368 3.16 7.43 23.11
CA SER A 368 2.75 6.16 22.57
C SER A 368 2.10 5.25 23.60
N SER A 369 1.08 4.47 23.23
CA SER A 369 0.59 3.47 24.18
C SER A 369 1.40 2.17 24.19
N LEU A 370 2.43 2.07 23.35
CA LEU A 370 3.19 0.82 23.23
C LEU A 370 3.82 0.51 24.60
N ALA A 371 3.61 -0.72 25.07
CA ALA A 371 4.14 -1.17 26.36
C ALA A 371 5.51 -1.81 26.14
N LEU A 372 6.56 -1.19 26.70
CA LEU A 372 7.91 -1.64 26.35
C LEU A 372 8.20 -3.05 26.74
N GLU A 373 7.55 -3.52 27.79
CA GLU A 373 7.81 -4.84 28.27
C GLU A 373 7.26 -5.93 27.36
N THR A 374 6.46 -5.53 26.36
CA THR A 374 5.87 -6.48 25.39
C THR A 374 6.74 -6.57 24.15
N ILE A 375 7.73 -5.69 24.01
CA ILE A 375 8.47 -5.65 22.75
C ILE A 375 9.41 -6.83 22.60
N GLN A 376 9.27 -7.56 21.49
CA GLN A 376 10.15 -8.67 21.20
C GLN A 376 11.16 -8.24 20.13
N ILE A 377 12.28 -8.93 20.10
CA ILE A 377 13.33 -8.62 19.15
C ILE A 377 13.41 -9.72 18.14
N PRO A 378 12.91 -9.48 16.93
CA PRO A 378 12.90 -10.57 15.95
C PRO A 378 14.31 -10.99 15.50
N ALA A 379 14.49 -12.29 15.28
CA ALA A 379 15.78 -12.84 14.82
C ALA A 379 16.25 -12.15 13.56
N SER A 380 15.30 -11.69 12.75
CA SER A 380 15.63 -11.12 11.45
C SER A 380 16.49 -9.85 11.52
N LEU A 381 16.55 -9.19 12.67
CA LEU A 381 17.38 -7.98 12.84
C LEU A 381 18.85 -8.30 13.17
N GLY A 382 19.15 -9.56 13.47
CA GLY A 382 20.53 -9.94 13.74
C GLY A 382 21.05 -9.34 15.04
N LEU A 383 20.18 -9.24 16.03
CA LEU A 383 20.56 -8.67 17.30
C LEU A 383 20.59 -9.73 18.41
N GLY A 384 21.02 -10.94 18.06
CA GLY A 384 21.09 -12.02 19.04
C GLY A 384 22.03 -11.75 20.21
N PHE A 385 22.95 -10.81 20.04
CA PHE A 385 23.92 -10.51 21.10
C PHE A 385 23.37 -9.51 22.14
N ILE A 386 22.15 -9.00 21.96
CA ILE A 386 21.55 -8.20 23.04
C ILE A 386 20.56 -9.06 23.85
N ALA A 387 20.34 -8.70 25.11
CA ALA A 387 19.53 -9.52 26.02
C ALA A 387 18.40 -8.73 26.60
N ARG A 388 17.22 -9.33 26.63
CA ARG A 388 16.09 -8.73 27.31
C ARG A 388 16.30 -8.72 28.83
N VAL A 389 16.09 -7.56 29.44
CA VAL A 389 16.13 -7.43 30.90
C VAL A 389 14.78 -6.85 31.34
N GLN B 5 9.90 11.20 42.02
CA GLN B 5 10.96 11.58 41.09
C GLN B 5 12.32 11.93 41.70
N PRO B 6 13.33 11.07 41.31
CA PRO B 6 14.66 11.40 41.86
C PRO B 6 15.31 12.59 41.23
N THR B 7 16.39 13.06 41.82
CA THR B 7 17.16 14.12 41.24
C THR B 7 18.01 13.34 40.25
N ARG B 8 18.09 13.83 39.02
CA ARG B 8 18.85 13.15 37.96
C ARG B 8 20.03 13.98 37.58
N ARG B 9 21.02 13.35 36.95
CA ARG B 9 22.17 14.09 36.50
C ARG B 9 21.91 14.54 35.06
N GLN B 10 21.99 15.83 34.81
CA GLN B 10 21.92 16.29 33.36
C GLN B 10 23.22 15.97 32.67
N ILE B 11 23.18 15.16 31.62
CA ILE B 11 24.37 14.84 30.85
C ILE B 11 24.70 16.05 30.01
N ARG B 12 25.88 16.62 30.27
CA ARG B 12 26.28 17.88 29.64
C ARG B 12 27.13 17.60 28.40
N LEU B 13 26.75 18.22 27.28
CA LEU B 13 27.59 18.22 26.08
C LEU B 13 28.48 19.44 26.06
N SER B 14 29.68 19.31 25.46
CA SER B 14 30.45 20.52 25.18
C SER B 14 29.84 21.27 24.02
N SER B 15 30.14 22.57 23.91
CA SER B 15 29.59 23.26 22.75
C SER B 15 30.09 22.68 21.37
N PRO B 16 31.40 22.33 21.24
CA PRO B 16 31.77 21.75 19.95
C PRO B 16 31.07 20.40 19.70
N GLU B 17 30.88 19.63 20.77
CA GLU B 17 30.25 18.31 20.60
C GLU B 17 28.79 18.52 20.22
N ARG B 18 28.16 19.50 20.86
CA ARG B 18 26.76 19.79 20.55
C ARG B 18 26.65 20.24 19.11
N GLN B 19 27.54 21.14 18.69
CA GLN B 19 27.49 21.61 17.31
C GLN B 19 27.64 20.49 16.30
N ARG B 20 28.61 19.61 16.55
CA ARG B 20 28.82 18.49 15.61
C ARG B 20 27.59 17.57 15.56
N LEU B 21 27.13 17.17 16.76
CA LEU B 21 26.00 16.23 16.81
C LEU B 21 24.77 16.80 16.13
N SER B 22 24.52 18.09 16.31
CA SER B 22 23.25 18.64 15.85
CA SER B 22 23.29 18.73 15.88
C SER B 22 23.29 19.12 14.44
N SER B 23 24.43 18.95 13.77
CA SER B 23 24.54 19.33 12.35
C SER B 23 24.30 18.09 11.53
N LEU B 24 23.18 18.05 10.76
CA LEU B 24 22.92 16.85 9.99
C LEU B 24 24.00 16.52 9.01
N ASN B 25 24.65 17.57 8.47
CA ASN B 25 25.51 17.37 7.36
C ASN B 25 26.94 17.02 7.76
N LEU B 26 27.21 17.05 9.05
CA LEU B 26 28.57 16.69 9.49
C LEU B 26 28.59 15.24 9.82
N THR B 27 29.25 14.48 8.95
CA THR B 27 29.16 13.03 8.92
C THR B 27 30.09 12.48 7.85
N PHE C 7 -12.85 7.74 21.74
CA PHE C 7 -13.55 6.93 20.71
C PHE C 7 -13.23 5.45 20.88
N GLN C 8 -14.29 4.64 20.89
CA GLN C 8 -14.24 3.24 21.23
C GLN C 8 -13.98 2.30 20.06
N GLY C 9 -14.07 2.79 18.82
CA GLY C 9 -13.82 1.96 17.66
C GLY C 9 -15.10 1.28 17.20
N MET C 10 -16.24 1.83 17.56
CA MET C 10 -17.53 1.31 17.08
C MET C 10 -18.22 2.33 16.19
N LEU C 11 -19.21 1.88 15.41
CA LEU C 11 -20.01 2.80 14.57
C LEU C 11 -21.51 2.49 14.77
N GLU C 12 -22.31 3.51 15.10
CA GLU C 12 -23.75 3.37 15.27
C GLU C 12 -24.52 3.82 14.03
N TYR C 13 -25.59 3.13 13.69
CA TYR C 13 -26.48 3.58 12.62
C TYR C 13 -27.90 3.25 13.03
N LYS C 14 -28.86 4.00 12.48
CA LYS C 14 -30.29 3.72 12.70
C LYS C 14 -30.75 2.55 11.82
N ARG C 15 -31.62 1.70 12.35
CA ARG C 15 -32.01 0.53 11.56
C ARG C 15 -32.62 0.93 10.24
N GLU C 16 -33.29 2.07 10.22
CA GLU C 16 -33.93 2.54 8.99
C GLU C 16 -32.91 2.85 7.90
N ASP C 17 -31.64 3.00 8.30
CA ASP C 17 -30.61 3.41 7.35
C ASP C 17 -29.76 2.25 6.91
N GLU C 18 -30.12 1.04 7.33
CA GLU C 18 -29.26 -0.11 6.99
C GLU C 18 -29.13 -0.33 5.50
N GLN C 19 -30.23 -0.20 4.75
CA GLN C 19 -30.09 -0.45 3.31
C GLN C 19 -29.23 0.62 2.62
N LYS C 20 -29.30 1.85 3.11
CA LYS C 20 -28.41 2.91 2.58
C LYS C 20 -26.94 2.60 2.91
N LEU C 21 -26.70 2.05 4.09
CA LEU C 21 -25.34 1.71 4.52
C LEU C 21 -24.78 0.70 3.55
N VAL C 22 -25.51 -0.40 3.28
CA VAL C 22 -24.90 -1.39 2.39
C VAL C 22 -24.92 -0.94 0.92
N LYS C 23 -25.86 -0.10 0.55
CA LYS C 23 -25.88 0.46 -0.80
C LYS C 23 -24.61 1.27 -1.04
N ASN C 24 -24.30 2.18 -0.13
CA ASN C 24 -23.14 3.02 -0.34
C ASN C 24 -21.82 2.32 -0.10
N LEU C 25 -21.73 1.35 0.83
CA LEU C 25 -20.43 0.79 1.18
C LEU C 25 -20.11 -0.44 0.33
N ILE C 26 -21.15 -1.06 -0.21
CA ILE C 26 -20.96 -2.33 -0.93
C ILE C 26 -21.50 -2.24 -2.36
N LEU C 27 -22.82 -2.06 -2.53
CA LEU C 27 -23.42 -2.12 -3.86
C LEU C 27 -22.87 -1.11 -4.86
N GLU C 28 -22.62 0.12 -4.41
CA GLU C 28 -22.25 1.16 -5.37
C GLU C 28 -20.81 1.60 -5.18
N LEU C 29 -20.10 0.93 -4.30
CA LEU C 29 -18.72 1.28 -4.05
C LEU C 29 -17.91 0.90 -5.26
N LYS C 30 -17.06 1.82 -5.70
CA LYS C 30 -16.28 1.57 -6.89
C LYS C 30 -14.93 1.04 -6.45
N PRO C 31 -14.65 -0.25 -6.75
CA PRO C 31 -13.45 -0.78 -6.12
C PRO C 31 -12.20 -0.10 -6.63
N ARG C 32 -12.19 0.42 -7.85
CA ARG C 32 -10.98 1.09 -8.26
C ARG C 32 -10.60 2.30 -7.39
N GLY C 33 -11.50 3.26 -7.21
CA GLY C 33 -11.12 4.46 -6.47
C GLY C 33 -10.89 4.19 -5.04
N VAL C 34 -11.65 3.23 -4.52
CA VAL C 34 -11.51 2.91 -3.12
C VAL C 34 -10.18 2.19 -2.99
N ALA C 35 -9.84 1.31 -3.94
CA ALA C 35 -8.60 0.58 -3.75
C ALA C 35 -7.43 1.53 -3.89
N VAL C 36 -7.56 2.56 -4.73
CA VAL C 36 -6.39 3.35 -5.08
C VAL C 36 -6.14 4.33 -3.93
N ASN C 37 -7.25 4.80 -3.34
CA ASN C 37 -7.24 6.02 -2.54
C ASN C 37 -7.52 5.83 -1.06
N LEU C 38 -8.07 4.68 -0.60
CA LEU C 38 -8.38 4.56 0.81
C LEU C 38 -7.63 3.32 1.35
N ILE C 39 -7.62 3.08 2.65
CA ILE C 39 -6.81 1.95 3.12
C ILE C 39 -7.44 0.62 2.69
N PRO C 40 -6.60 -0.38 2.35
CA PRO C 40 -7.08 -1.71 2.03
C PRO C 40 -7.90 -2.27 3.15
N GLY C 41 -9.07 -2.79 2.79
CA GLY C 41 -9.95 -3.48 3.70
C GLY C 41 -10.89 -2.51 4.41
N LEU C 42 -10.90 -1.23 4.04
CA LEU C 42 -11.75 -0.30 4.79
C LEU C 42 -13.23 -0.71 4.88
N PRO C 43 -13.84 -1.17 3.79
CA PRO C 43 -15.27 -1.61 3.95
C PRO C 43 -15.44 -2.72 5.00
N ALA C 44 -14.56 -3.71 4.98
CA ALA C 44 -14.61 -4.79 6.02
C ALA C 44 -14.44 -4.21 7.42
N TYR C 45 -13.53 -3.25 7.61
CA TYR C 45 -13.33 -2.70 8.96
C TYR C 45 -14.55 -1.90 9.41
N ILE C 46 -15.13 -1.12 8.50
CA ILE C 46 -16.29 -0.34 8.85
C ILE C 46 -17.46 -1.26 9.21
N LEU C 47 -17.67 -2.28 8.38
CA LEU C 47 -18.78 -3.20 8.65
C LEU C 47 -18.57 -3.89 9.98
N PHE C 48 -17.34 -4.23 10.29
CA PHE C 48 -17.10 -4.85 11.58
C PHE C 48 -17.34 -3.89 12.75
N MET C 49 -16.93 -2.65 12.59
CA MET C 49 -17.22 -1.68 13.68
C MET C 49 -18.72 -1.52 13.90
N CYS C 50 -19.50 -1.63 12.83
CA CYS C 50 -20.96 -1.62 12.97
C CYS C 50 -21.44 -2.87 13.68
N VAL C 51 -20.85 -4.01 13.36
CA VAL C 51 -21.21 -5.22 14.10
C VAL C 51 -20.92 -5.06 15.60
N ARG C 52 -19.77 -4.45 15.90
CA ARG C 52 -19.42 -4.19 17.30
C ARG C 52 -20.51 -3.37 18.02
N HIS C 53 -21.05 -2.34 17.41
CA HIS C 53 -22.01 -1.54 18.17
C HIS C 53 -23.31 -2.35 18.32
N ALA C 54 -23.73 -3.09 17.29
CA ALA C 54 -24.97 -3.93 17.45
C ALA C 54 -24.79 -4.96 18.56
N ASP C 55 -23.58 -5.49 18.66
CA ASP C 55 -23.23 -6.41 19.75
C ASP C 55 -23.25 -5.69 21.10
N TYR C 56 -22.69 -4.48 21.17
CA TYR C 56 -22.73 -3.68 22.40
C TYR C 56 -24.17 -3.42 22.90
N LEU C 57 -25.07 -3.18 21.96
CA LEU C 57 -26.51 -2.98 22.28
C LEU C 57 -27.21 -4.27 22.68
N ASN C 58 -26.55 -5.41 22.51
CA ASN C 58 -27.13 -6.76 22.76
C ASN C 58 -28.39 -6.93 21.94
N ASP C 59 -28.30 -6.46 20.70
CA ASP C 59 -29.48 -6.47 19.79
C ASP C 59 -29.29 -7.55 18.75
N ASP C 60 -29.83 -8.74 19.03
CA ASP C 60 -29.61 -9.84 18.12
CA ASP C 60 -29.74 -9.92 18.17
C ASP C 60 -30.24 -9.59 16.77
N GLN C 61 -31.38 -8.91 16.76
CA GLN C 61 -32.08 -8.74 15.47
C GLN C 61 -31.26 -7.82 14.60
N LYS C 62 -30.68 -6.78 15.19
CA LYS C 62 -29.82 -5.90 14.42
C LYS C 62 -28.56 -6.57 13.87
N VAL C 63 -27.91 -7.39 14.71
CA VAL C 63 -26.75 -8.15 14.22
C VAL C 63 -27.15 -9.03 13.07
N ARG C 64 -28.24 -9.78 13.24
CA ARG C 64 -28.71 -10.65 12.16
C ARG C 64 -29.00 -9.88 10.87
N SER C 65 -29.68 -8.75 11.00
CA SER C 65 -30.08 -7.98 9.81
C SER C 65 -28.87 -7.43 9.12
N LEU C 66 -27.92 -6.91 9.91
CA LEU C 66 -26.71 -6.35 9.31
C LEU C 66 -25.88 -7.41 8.58
N LEU C 67 -25.70 -8.55 9.23
CA LEU C 67 -24.93 -9.61 8.55
C LEU C 67 -25.64 -10.09 7.28
N THR C 68 -26.98 -10.29 7.30
CA THR C 68 -27.69 -10.72 6.10
C THR C 68 -27.55 -9.68 5.02
N SER C 69 -27.73 -8.41 5.40
CA SER C 69 -27.63 -7.35 4.39
C SER C 69 -26.24 -7.27 3.79
N THR C 70 -25.22 -7.43 4.62
CA THR C 70 -23.85 -7.41 4.16
C THR C 70 -23.53 -8.56 3.22
N ILE C 71 -23.87 -9.77 3.64
CA ILE C 71 -23.59 -10.94 2.78
C ILE C 71 -24.39 -10.86 1.46
N ASN C 72 -25.66 -10.49 1.56
CA ASN C 72 -26.49 -10.42 0.36
C ASN C 72 -25.95 -9.38 -0.61
N SER C 73 -25.44 -8.26 -0.07
CA SER C 73 -24.94 -7.20 -0.93
C SER C 73 -23.65 -7.61 -1.63
N ILE C 74 -22.75 -8.26 -0.88
CA ILE C 74 -21.53 -8.75 -1.54
C ILE C 74 -21.88 -9.75 -2.63
N LYS C 75 -22.85 -10.66 -2.36
CA LYS C 75 -23.24 -11.63 -3.40
C LYS C 75 -23.86 -10.90 -4.64
N LYS C 76 -24.60 -9.82 -4.41
CA LYS C 76 -25.26 -9.11 -5.52
C LYS C 76 -24.18 -8.43 -6.37
N VAL C 77 -23.18 -7.83 -5.74
CA VAL C 77 -22.11 -7.15 -6.53
C VAL C 77 -21.37 -8.18 -7.34
N LEU C 78 -21.06 -9.32 -6.75
CA LEU C 78 -20.32 -10.39 -7.50
C LEU C 78 -21.18 -11.00 -8.63
N LYS C 79 -22.50 -11.07 -8.49
CA LYS C 79 -23.36 -11.54 -9.56
C LYS C 79 -23.37 -10.52 -10.70
N LYS C 80 -23.54 -9.26 -10.34
CA LYS C 80 -23.68 -8.23 -11.40
C LYS C 80 -22.40 -7.90 -12.13
N ARG C 81 -21.30 -7.89 -11.38
CA ARG C 81 -20.05 -7.38 -11.97
C ARG C 81 -18.89 -8.29 -11.64
N GLY C 82 -19.20 -9.56 -11.37
CA GLY C 82 -18.12 -10.46 -10.97
C GLY C 82 -17.40 -11.05 -12.17
N ASP C 83 -17.56 -10.43 -13.31
CA ASP C 83 -16.85 -10.83 -14.46
C ASP C 83 -15.62 -9.96 -14.54
N ASP C 84 -15.54 -8.98 -13.65
CA ASP C 84 -14.48 -7.96 -13.63
C ASP C 84 -13.44 -8.39 -12.61
N PHE C 85 -12.20 -8.62 -13.04
CA PHE C 85 -11.10 -8.96 -12.09
C PHE C 85 -11.00 -8.05 -10.86
N GLU C 86 -10.87 -6.73 -11.04
CA GLU C 86 -10.69 -5.86 -9.88
C GLU C 86 -11.87 -6.00 -8.89
N THR C 87 -13.10 -6.14 -9.37
CA THR C 87 -14.28 -6.25 -8.48
C THR C 87 -14.19 -7.53 -7.67
N VAL C 88 -13.84 -8.64 -8.34
CA VAL C 88 -13.84 -9.94 -7.63
C VAL C 88 -12.67 -9.98 -6.64
N SER C 89 -11.51 -9.50 -7.07
CA SER C 89 -10.38 -9.46 -6.11
C SER C 89 -10.71 -8.56 -4.89
N PHE C 90 -11.32 -7.40 -5.15
CA PHE C 90 -11.61 -6.48 -4.06
C PHE C 90 -12.55 -7.11 -3.06
N TRP C 91 -13.60 -7.72 -3.55
CA TRP C 91 -14.56 -8.29 -2.65
C TRP C 91 -14.11 -9.61 -2.03
N LEU C 92 -13.24 -10.35 -2.68
CA LEU C 92 -12.68 -11.51 -2.02
C LEU C 92 -11.80 -11.03 -0.88
N SER C 93 -11.00 -10.00 -1.12
CA SER C 93 -10.12 -9.49 -0.07
CA SER C 93 -10.10 -9.46 -0.07
C SER C 93 -10.91 -8.93 1.11
N ASN C 94 -11.99 -8.21 0.81
CA ASN C 94 -12.74 -7.65 1.92
C ASN C 94 -13.59 -8.71 2.63
N THR C 95 -14.08 -9.72 1.93
CA THR C 95 -14.84 -10.82 2.58
C THR C 95 -13.87 -11.50 3.58
N CYS C 96 -12.65 -11.80 3.13
CA CYS C 96 -11.61 -12.40 4.01
C CYS C 96 -11.32 -11.47 5.17
N ARG C 97 -11.11 -10.18 4.93
CA ARG C 97 -10.78 -9.32 6.06
C ARG C 97 -11.92 -9.25 7.08
N PHE C 98 -13.17 -9.20 6.61
CA PHE C 98 -14.31 -9.22 7.51
C PHE C 98 -14.33 -10.54 8.33
N LEU C 99 -14.11 -11.70 7.69
CA LEU C 99 -13.95 -12.95 8.44
C LEU C 99 -12.82 -12.91 9.44
N HIS C 100 -11.64 -12.42 9.06
CA HIS C 100 -10.55 -12.36 10.04
C HIS C 100 -10.95 -11.43 11.19
N CYS C 101 -11.66 -10.35 10.91
CA CYS C 101 -12.09 -9.44 12.03
C CYS C 101 -13.02 -10.18 12.99
N LEU C 102 -13.93 -10.96 12.42
CA LEU C 102 -14.85 -11.70 13.31
C LEU C 102 -14.09 -12.70 14.18
N LYS C 103 -13.02 -13.27 13.65
CA LYS C 103 -12.15 -14.11 14.49
C LYS C 103 -11.29 -13.35 15.50
N GLN C 104 -10.61 -12.33 14.99
CA GLN C 104 -9.65 -11.58 15.81
C GLN C 104 -10.30 -10.90 17.02
N TYR C 105 -11.59 -10.55 16.83
CA TYR C 105 -12.31 -9.81 17.85
C TYR C 105 -13.47 -10.68 18.39
N SER C 106 -13.33 -12.01 18.24
CA SER C 106 -14.35 -12.93 18.82
C SER C 106 -14.31 -13.05 20.33
N GLY C 107 -13.17 -12.74 20.92
CA GLY C 107 -12.96 -13.06 22.34
C GLY C 107 -12.65 -14.51 22.66
N GLU C 108 -12.32 -15.28 21.64
CA GLU C 108 -11.88 -16.66 21.78
C GLU C 108 -10.35 -16.66 21.90
N GLU C 109 -9.83 -17.29 22.94
CA GLU C 109 -8.41 -17.20 23.24
C GLU C 109 -7.53 -17.61 22.08
N GLY C 110 -7.93 -18.63 21.33
CA GLY C 110 -7.10 -19.09 20.21
C GLY C 110 -6.91 -18.09 19.08
N PHE C 111 -7.78 -17.08 19.02
CA PHE C 111 -7.71 -16.07 17.95
C PHE C 111 -7.11 -14.77 18.43
N MET C 112 -6.66 -14.74 19.68
CA MET C 112 -6.26 -13.52 20.38
C MET C 112 -4.75 -13.40 20.56
N LYS C 113 -3.97 -14.36 20.06
CA LYS C 113 -2.55 -14.48 20.45
C LYS C 113 -1.69 -13.38 19.85
N HIS C 114 -2.19 -12.74 18.80
CA HIS C 114 -1.43 -11.70 18.16
C HIS C 114 -1.99 -10.32 18.48
N ASN C 115 -3.07 -10.28 19.28
CA ASN C 115 -3.67 -8.99 19.64
C ASN C 115 -2.87 -8.14 20.61
N THR C 116 -2.90 -6.83 20.40
CA THR C 116 -2.50 -5.92 21.45
C THR C 116 -3.53 -5.94 22.58
N SER C 117 -3.11 -5.38 23.72
CA SER C 117 -4.01 -5.18 24.85
C SER C 117 -5.28 -4.37 24.45
N ARG C 118 -5.11 -3.31 23.66
CA ARG C 118 -6.26 -2.51 23.22
C ARG C 118 -7.13 -3.27 22.25
N GLN C 119 -6.52 -4.09 21.39
CA GLN C 119 -7.35 -4.86 20.49
C GLN C 119 -8.21 -5.86 21.23
N ASN C 120 -7.67 -6.41 22.32
CA ASN C 120 -8.47 -7.37 23.09
C ASN C 120 -9.66 -6.68 23.74
N GLU C 121 -9.53 -5.38 24.01
CA GLU C 121 -10.64 -4.61 24.62
C GLU C 121 -11.78 -4.39 23.63
N HIS C 122 -11.51 -4.65 22.37
CA HIS C 122 -12.52 -4.46 21.31
C HIS C 122 -13.25 -5.73 20.96
N CYS C 123 -13.02 -6.81 21.66
CA CYS C 123 -13.75 -8.05 21.34
CA CYS C 123 -13.75 -8.03 21.29
C CYS C 123 -15.26 -7.89 21.56
N LEU C 124 -16.01 -8.64 20.77
CA LEU C 124 -17.46 -8.76 20.99
C LEU C 124 -17.74 -9.30 22.39
N THR C 125 -18.82 -8.84 23.02
CA THR C 125 -19.10 -9.28 24.39
C THR C 125 -20.40 -10.05 24.56
N ASN C 126 -21.31 -9.94 23.61
CA ASN C 126 -22.60 -10.58 23.77
C ASN C 126 -22.86 -11.73 22.82
N PHE C 127 -22.31 -11.71 21.60
CA PHE C 127 -22.66 -12.74 20.66
C PHE C 127 -21.50 -13.53 20.15
N ASP C 128 -21.74 -14.83 19.98
CA ASP C 128 -20.82 -15.77 19.34
C ASP C 128 -21.28 -15.89 17.89
N LEU C 129 -20.46 -15.36 16.98
CA LEU C 129 -20.85 -15.30 15.54
C LEU C 129 -20.21 -16.44 14.75
N ALA C 130 -19.87 -17.55 15.40
CA ALA C 130 -19.29 -18.68 14.65
C ALA C 130 -20.10 -19.14 13.45
N GLU C 131 -21.43 -19.11 13.50
CA GLU C 131 -22.17 -19.60 12.35
C GLU C 131 -21.99 -18.70 11.15
N TYR C 132 -21.86 -17.40 11.40
CA TYR C 132 -21.57 -16.46 10.28
C TYR C 132 -20.15 -16.61 9.80
N ARG C 133 -19.23 -16.88 10.72
CA ARG C 133 -17.86 -17.09 10.25
C ARG C 133 -17.83 -18.30 9.32
N GLN C 134 -18.63 -19.33 9.61
CA GLN C 134 -18.62 -20.48 8.75
C GLN C 134 -19.30 -20.16 7.37
N VAL C 135 -20.35 -19.38 7.42
CA VAL C 135 -20.99 -18.93 6.17
C VAL C 135 -19.96 -18.22 5.33
N LEU C 136 -19.24 -17.26 5.95
CA LEU C 136 -18.26 -16.45 5.16
C LEU C 136 -17.13 -17.29 4.59
N SER C 137 -16.62 -18.23 5.40
CA SER C 137 -15.63 -19.18 4.92
CA SER C 137 -15.65 -19.23 4.93
C SER C 137 -16.12 -19.98 3.71
N ASP C 138 -17.33 -20.49 3.80
CA ASP C 138 -17.89 -21.25 2.71
C ASP C 138 -18.05 -20.37 1.47
N LEU C 139 -18.47 -19.13 1.68
CA LEU C 139 -18.66 -18.19 0.53
C LEU C 139 -17.33 -17.88 -0.09
N ALA C 140 -16.30 -17.72 0.74
CA ALA C 140 -15.03 -17.28 0.22
C ALA C 140 -14.46 -18.33 -0.73
N ILE C 141 -14.69 -19.60 -0.41
CA ILE C 141 -14.27 -20.66 -1.32
C ILE C 141 -14.89 -20.44 -2.71
N GLN C 142 -16.19 -20.15 -2.77
CA GLN C 142 -16.84 -19.92 -4.04
C GLN C 142 -16.37 -18.65 -4.74
N ILE C 143 -16.17 -17.58 -3.96
CA ILE C 143 -15.65 -16.37 -4.56
C ILE C 143 -14.25 -16.60 -5.16
N TYR C 144 -13.43 -17.32 -4.43
CA TYR C 144 -12.10 -17.65 -4.94
C TYR C 144 -12.23 -18.42 -6.26
N GLN C 145 -13.16 -19.37 -6.34
CA GLN C 145 -13.32 -20.13 -7.60
C GLN C 145 -13.73 -19.18 -8.75
N GLN C 146 -14.58 -18.19 -8.43
CA GLN C 146 -14.97 -17.17 -9.41
C GLN C 146 -13.74 -16.34 -9.85
N LEU C 147 -12.88 -15.97 -8.90
CA LEU C 147 -11.66 -15.23 -9.27
C LEU C 147 -10.77 -16.04 -10.22
N VAL C 148 -10.59 -17.31 -9.89
CA VAL C 148 -9.77 -18.21 -10.71
C VAL C 148 -10.31 -18.26 -12.13
N ARG C 149 -11.62 -18.36 -12.30
CA ARG C 149 -12.17 -18.40 -13.65
CA ARG C 149 -12.21 -18.41 -13.64
C ARG C 149 -12.03 -17.10 -14.40
N VAL C 150 -12.15 -15.99 -13.71
CA VAL C 150 -11.90 -14.69 -14.33
C VAL C 150 -10.43 -14.55 -14.81
N LEU C 151 -9.51 -14.91 -13.94
CA LEU C 151 -8.09 -14.86 -14.34
C LEU C 151 -7.79 -15.78 -15.49
N GLU C 152 -8.36 -16.99 -15.46
CA GLU C 152 -8.20 -17.96 -16.54
C GLU C 152 -8.68 -17.41 -17.88
N ASN C 153 -9.87 -16.82 -17.85
CA ASN C 153 -10.40 -16.30 -19.11
CA ASN C 153 -10.43 -16.24 -19.09
C ASN C 153 -9.54 -15.15 -19.68
N ILE C 154 -8.88 -14.37 -18.80
CA ILE C 154 -8.01 -13.28 -19.25
C ILE C 154 -6.73 -13.90 -19.84
N LEU C 155 -6.17 -14.90 -19.15
CA LEU C 155 -4.89 -15.47 -19.61
C LEU C 155 -4.98 -16.37 -20.81
N GLN C 156 -6.12 -17.07 -20.95
CA GLN C 156 -6.25 -18.13 -21.95
C GLN C 156 -5.84 -17.72 -23.38
N PRO C 157 -6.24 -16.57 -23.86
CA PRO C 157 -5.84 -16.21 -25.23
C PRO C 157 -4.37 -15.94 -25.42
N MET C 158 -3.66 -15.75 -24.33
CA MET C 158 -2.26 -15.45 -24.42
C MET C 158 -1.32 -16.62 -24.32
N ILE C 159 -1.78 -17.69 -23.72
CA ILE C 159 -0.94 -18.80 -23.40
C ILE C 159 -0.22 -19.54 -24.52
N VAL C 160 -0.96 -20.04 -25.48
CA VAL C 160 -0.36 -20.78 -26.56
C VAL C 160 0.60 -19.91 -27.38
N SER C 161 0.19 -18.70 -27.68
CA SER C 161 0.97 -17.78 -28.46
C SER C 161 2.26 -17.46 -27.71
N GLY C 162 2.17 -17.15 -26.43
CA GLY C 162 3.38 -16.76 -25.74
C GLY C 162 4.29 -17.88 -25.27
N MET C 163 3.72 -19.05 -24.97
CA MET C 163 4.53 -20.15 -24.51
C MET C 163 5.04 -21.04 -25.63
N LEU C 164 4.30 -21.16 -26.76
CA LEU C 164 4.67 -22.14 -27.79
C LEU C 164 4.99 -21.55 -29.14
N GLU C 165 4.21 -20.55 -29.55
CA GLU C 165 4.26 -20.09 -30.94
C GLU C 165 5.33 -19.08 -31.17
N HIS C 166 5.43 -18.11 -30.29
CA HIS C 166 6.37 -17.02 -30.51
C HIS C 166 7.79 -17.55 -30.31
N GLU C 167 8.66 -17.35 -31.29
CA GLU C 167 9.99 -17.97 -31.26
C GLU C 167 11.11 -16.97 -31.19
N THR C 192 0.49 -10.14 -31.84
CA THR C 192 0.33 -11.41 -31.13
C THR C 192 0.92 -11.37 -29.74
N TYR C 193 0.44 -12.25 -28.87
CA TYR C 193 0.97 -12.31 -27.52
C TYR C 193 2.29 -13.05 -27.44
N THR C 194 3.16 -12.52 -26.59
CA THR C 194 4.49 -13.08 -26.37
C THR C 194 4.57 -13.59 -24.91
N LEU C 195 5.67 -14.26 -24.58
CA LEU C 195 5.96 -14.58 -23.19
C LEU C 195 5.93 -13.32 -22.33
N ASP C 196 6.52 -12.24 -22.84
CA ASP C 196 6.48 -11.00 -22.05
C ASP C 196 5.04 -10.54 -21.80
N SER C 197 4.13 -10.73 -22.76
CA SER C 197 2.70 -10.44 -22.50
C SER C 197 2.19 -11.16 -21.28
N ILE C 198 2.55 -12.44 -21.19
CA ILE C 198 2.09 -13.23 -20.06
C ILE C 198 2.69 -12.74 -18.75
N LEU C 199 4.00 -12.46 -18.77
CA LEU C 199 4.60 -11.98 -17.53
C LEU C 199 4.04 -10.62 -17.09
N ARG C 200 3.78 -9.72 -18.05
CA ARG C 200 3.17 -8.44 -17.66
C ARG C 200 1.76 -8.65 -17.11
N GLN C 201 1.02 -9.58 -17.67
CA GLN C 201 -0.35 -9.84 -17.19
C GLN C 201 -0.33 -10.43 -15.78
N LEU C 202 0.59 -11.36 -15.53
CA LEU C 202 0.79 -11.88 -14.17
C LEU C 202 1.18 -10.75 -13.22
N ASN C 203 2.07 -9.87 -13.65
CA ASN C 203 2.43 -8.70 -12.83
C ASN C 203 1.22 -7.86 -12.47
N SER C 204 0.36 -7.62 -13.45
N SER C 204 0.33 -7.67 -13.43
CA SER C 204 -0.84 -6.83 -13.19
CA SER C 204 -0.87 -6.88 -13.23
C SER C 204 -1.76 -7.53 -12.18
C SER C 204 -1.82 -7.52 -12.24
N PHE C 205 -2.02 -8.83 -12.37
CA PHE C 205 -2.84 -9.53 -11.39
C PHE C 205 -2.23 -9.38 -9.97
N HIS C 206 -0.90 -9.59 -9.86
CA HIS C 206 -0.26 -9.60 -8.54
C HIS C 206 -0.36 -8.19 -7.91
N SER C 207 -0.13 -7.16 -8.73
CA SER C 207 -0.14 -5.81 -8.18
CA SER C 207 -0.16 -5.79 -8.24
C SER C 207 -1.54 -5.44 -7.72
N VAL C 208 -2.58 -5.86 -8.45
CA VAL C 208 -3.96 -5.52 -8.00
C VAL C 208 -4.25 -6.27 -6.66
N MET C 209 -3.91 -7.56 -6.57
CA MET C 209 -4.23 -8.30 -5.35
C MET C 209 -3.51 -7.65 -4.16
N CYS C 210 -2.27 -7.19 -4.39
CA CYS C 210 -1.52 -6.50 -3.30
C CYS C 210 -2.17 -5.19 -2.93
N GLN C 211 -2.59 -4.44 -3.93
CA GLN C 211 -3.24 -3.14 -3.65
CA GLN C 211 -3.27 -3.15 -3.69
C GLN C 211 -4.51 -3.34 -2.84
N HIS C 212 -5.17 -4.48 -3.03
CA HIS C 212 -6.42 -4.79 -2.34
C HIS C 212 -6.21 -5.37 -0.95
N GLY C 213 -4.93 -5.49 -0.58
CA GLY C 213 -4.56 -6.10 0.70
C GLY C 213 -5.01 -7.56 0.87
N MET C 214 -5.00 -8.27 -0.25
CA MET C 214 -5.29 -9.70 -0.22
C MET C 214 -4.24 -10.41 0.67
N ASP C 215 -4.69 -11.41 1.42
CA ASP C 215 -3.75 -12.12 2.33
C ASP C 215 -2.58 -12.68 1.51
N PRO C 216 -1.37 -12.52 2.02
CA PRO C 216 -0.24 -13.12 1.32
C PRO C 216 -0.40 -14.63 1.09
N GLU C 217 -0.99 -15.33 2.06
CA GLU C 217 -1.17 -16.77 1.86
C GLU C 217 -2.21 -17.08 0.79
N LEU C 218 -3.16 -16.18 0.59
CA LEU C 218 -4.16 -16.33 -0.49
C LEU C 218 -3.55 -15.99 -1.83
N ILE C 219 -2.72 -14.94 -1.92
CA ILE C 219 -2.04 -14.63 -3.16
C ILE C 219 -1.17 -15.83 -3.62
N LYS C 220 -0.47 -16.44 -2.67
CA LYS C 220 0.33 -17.65 -3.02
C LYS C 220 -0.51 -18.72 -3.68
N GLN C 221 -1.71 -18.96 -3.13
CA GLN C 221 -2.58 -19.97 -3.73
C GLN C 221 -3.10 -19.55 -5.10
N VAL C 222 -3.45 -18.29 -5.27
CA VAL C 222 -3.90 -17.81 -6.60
C VAL C 222 -2.78 -18.06 -7.59
N VAL C 223 -1.54 -17.72 -7.18
CA VAL C 223 -0.41 -17.80 -8.15
C VAL C 223 -0.15 -19.30 -8.49
N LYS C 224 -0.17 -20.18 -7.49
CA LYS C 224 -0.03 -21.62 -7.77
C LYS C 224 -1.10 -22.06 -8.79
N GLN C 225 -2.33 -21.63 -8.56
CA GLN C 225 -3.42 -22.05 -9.45
C GLN C 225 -3.23 -21.49 -10.87
N MET C 226 -2.78 -20.25 -10.99
CA MET C 226 -2.61 -19.72 -12.33
CA MET C 226 -2.49 -19.62 -12.28
C MET C 226 -1.40 -20.37 -13.06
N PHE C 227 -0.34 -20.65 -12.34
CA PHE C 227 0.74 -21.41 -13.00
C PHE C 227 0.25 -22.77 -13.44
N TYR C 228 -0.55 -23.44 -12.66
CA TYR C 228 -1.08 -24.75 -13.08
C TYR C 228 -1.86 -24.62 -14.39
N ILE C 229 -2.69 -23.58 -14.51
CA ILE C 229 -3.50 -23.38 -15.71
C ILE C 229 -2.58 -23.10 -16.90
N VAL C 230 -1.55 -22.29 -16.70
CA VAL C 230 -0.61 -22.01 -17.80
C VAL C 230 0.01 -23.33 -18.29
N GLY C 231 0.54 -24.12 -17.37
CA GLY C 231 1.17 -25.37 -17.78
C GLY C 231 0.23 -26.35 -18.42
N ALA C 232 -1.00 -26.45 -17.91
CA ALA C 232 -1.96 -27.42 -18.45
C ALA C 232 -2.46 -27.01 -19.84
N ILE C 233 -2.77 -25.74 -20.02
CA ILE C 233 -3.19 -25.28 -21.37
C ILE C 233 -2.03 -25.44 -22.38
N THR C 234 -0.80 -25.18 -21.92
CA THR C 234 0.34 -25.31 -22.84
C THR C 234 0.55 -26.74 -23.21
N LEU C 235 0.59 -27.62 -22.22
CA LEU C 235 0.87 -29.04 -22.54
C LEU C 235 -0.27 -29.62 -23.37
N ASN C 236 -1.51 -29.26 -23.04
CA ASN C 236 -2.59 -29.83 -23.84
C ASN C 236 -2.52 -29.39 -25.28
N ASN C 237 -2.17 -28.14 -25.51
CA ASN C 237 -2.09 -27.67 -26.87
C ASN C 237 -0.99 -28.41 -27.63
N LEU C 238 0.15 -28.61 -26.96
CA LEU C 238 1.28 -29.33 -27.56
C LEU C 238 0.89 -30.76 -27.94
N LEU C 239 0.08 -31.42 -27.11
CA LEU C 239 -0.31 -32.80 -27.35
C LEU C 239 -1.32 -32.95 -28.53
N LEU C 240 -2.00 -31.85 -28.86
CA LEU C 240 -3.10 -31.85 -29.87
C LEU C 240 -2.74 -31.27 -31.22
N ARG C 241 -1.53 -30.79 -31.36
CA ARG C 241 -1.05 -30.30 -32.66
C ARG C 241 0.06 -31.15 -33.18
N LYS C 242 0.49 -30.86 -34.41
CA LYS C 242 1.47 -31.72 -35.02
C LYS C 242 2.87 -31.10 -35.09
N ASP C 243 2.97 -29.82 -34.75
CA ASP C 243 4.16 -29.02 -35.08
C ASP C 243 4.96 -28.52 -33.88
N MET C 244 4.63 -28.97 -32.67
CA MET C 244 5.32 -28.45 -31.48
C MET C 244 6.26 -29.43 -30.82
N CYS C 245 6.50 -30.60 -31.43
CA CYS C 245 7.37 -31.56 -30.78
C CYS C 245 8.68 -31.66 -31.50
N SER C 246 9.65 -30.88 -31.06
CA SER C 246 10.99 -30.95 -31.64
C SER C 246 11.99 -30.65 -30.52
N TRP C 247 13.25 -30.95 -30.77
CA TRP C 247 14.32 -30.65 -29.85
C TRP C 247 14.36 -29.15 -29.53
N SER C 248 14.32 -28.34 -30.59
CA SER C 248 14.32 -26.88 -30.36
C SER C 248 13.10 -26.36 -29.63
N LYS C 249 11.91 -26.93 -29.86
CA LYS C 249 10.75 -26.51 -29.10
C LYS C 249 10.91 -26.91 -27.62
N GLY C 250 11.53 -28.05 -27.35
CA GLY C 250 11.71 -28.43 -25.95
C GLY C 250 12.63 -27.45 -25.23
N MET C 251 13.71 -27.03 -25.92
CA MET C 251 14.55 -26.00 -25.34
C MET C 251 13.80 -24.69 -25.13
N GLN C 252 12.94 -24.32 -26.07
CA GLN C 252 12.16 -23.09 -25.94
C GLN C 252 11.22 -23.16 -24.75
N ILE C 253 10.54 -24.30 -24.60
CA ILE C 253 9.62 -24.42 -23.53
C ILE C 253 10.36 -24.37 -22.18
N ARG C 254 11.54 -25.01 -22.07
CA ARG C 254 12.26 -25.03 -20.78
C ARG C 254 12.71 -23.60 -20.45
N TYR C 255 13.12 -22.86 -21.49
CA TYR C 255 13.51 -21.46 -21.28
C TYR C 255 12.34 -20.63 -20.83
N ASN C 256 11.18 -20.81 -21.49
CA ASN C 256 10.05 -20.05 -21.06
C ASN C 256 9.61 -20.35 -19.62
N VAL C 257 9.60 -21.64 -19.27
CA VAL C 257 9.31 -22.04 -17.89
C VAL C 257 10.33 -21.42 -16.92
N SER C 258 11.58 -21.31 -17.30
CA SER C 258 12.51 -20.72 -16.35
C SER C 258 12.25 -19.20 -16.20
N GLN C 259 11.67 -18.53 -17.21
CA GLN C 259 11.25 -17.11 -17.00
C GLN C 259 10.07 -17.02 -16.00
N LEU C 260 9.18 -18.01 -16.04
CA LEU C 260 8.09 -18.05 -15.05
C LEU C 260 8.66 -18.30 -13.68
N GLU C 261 9.66 -19.16 -13.59
CA GLU C 261 10.34 -19.37 -12.31
CA GLU C 261 10.28 -19.37 -12.29
C GLU C 261 10.96 -18.08 -11.80
N GLU C 262 11.58 -17.31 -12.70
CA GLU C 262 12.20 -16.02 -12.28
C GLU C 262 11.17 -15.00 -11.89
N TRP C 263 9.97 -15.10 -12.46
CA TRP C 263 8.88 -14.23 -11.99
C TRP C 263 8.55 -14.54 -10.52
N LEU C 264 8.48 -15.83 -10.17
CA LEU C 264 8.27 -16.26 -8.78
C LEU C 264 9.39 -15.69 -7.91
N ARG C 265 10.63 -15.74 -8.40
CA ARG C 265 11.78 -15.14 -7.66
C ARG C 265 11.57 -13.65 -7.38
N ASP C 266 11.25 -12.85 -8.39
CA ASP C 266 10.86 -11.42 -8.28
C ASP C 266 9.94 -11.14 -7.11
N LYS C 267 8.96 -12.02 -6.95
CA LYS C 267 7.79 -11.77 -6.09
C LYS C 267 8.03 -12.46 -4.73
N ASN C 268 9.16 -13.11 -4.56
CA ASN C 268 9.44 -13.97 -3.41
C ASN C 268 8.41 -15.08 -3.18
N LEU C 269 8.00 -15.75 -4.25
CA LEU C 269 6.95 -16.77 -4.20
C LEU C 269 7.44 -18.15 -4.53
N MET C 270 8.74 -18.42 -4.35
CA MET C 270 9.19 -19.79 -4.59
C MET C 270 8.52 -20.88 -3.72
N ASN C 271 8.05 -20.55 -2.51
CA ASN C 271 7.39 -21.56 -1.67
C ASN C 271 5.88 -21.67 -1.86
N SER C 272 5.36 -21.12 -2.96
CA SER C 272 3.94 -21.17 -3.18
C SER C 272 3.54 -22.53 -3.71
N GLY C 273 4.52 -23.32 -4.18
CA GLY C 273 4.18 -24.51 -4.91
C GLY C 273 3.84 -24.31 -6.42
N ALA C 274 3.96 -23.07 -6.89
CA ALA C 274 3.57 -22.74 -8.25
C ALA C 274 4.51 -23.43 -9.28
N LYS C 275 5.81 -23.43 -8.98
CA LYS C 275 6.71 -24.01 -9.99
C LYS C 275 6.46 -25.51 -10.14
N GLU C 276 6.12 -26.18 -9.04
CA GLU C 276 5.95 -27.63 -9.09
C GLU C 276 4.74 -28.00 -9.95
N THR C 277 3.76 -27.10 -10.08
CA THR C 277 2.60 -27.45 -10.93
C THR C 277 2.99 -27.60 -12.39
N LEU C 278 4.16 -27.06 -12.76
CA LEU C 278 4.59 -27.09 -14.19
C LEU C 278 5.38 -28.36 -14.53
N GLU C 279 5.52 -29.27 -13.56
CA GLU C 279 6.33 -30.46 -13.83
C GLU C 279 5.92 -31.30 -15.06
N PRO C 280 4.63 -31.50 -15.36
CA PRO C 280 4.32 -32.24 -16.59
C PRO C 280 4.86 -31.55 -17.85
N LEU C 281 4.63 -30.23 -17.97
CA LEU C 281 5.15 -29.49 -19.11
C LEU C 281 6.68 -29.56 -19.14
N ILE C 282 7.32 -29.42 -17.98
CA ILE C 282 8.78 -29.43 -17.96
C ILE C 282 9.27 -30.82 -18.44
N GLN C 283 8.66 -31.87 -17.93
CA GLN C 283 9.10 -33.21 -18.39
C GLN C 283 8.84 -33.47 -19.86
N ALA C 284 7.73 -32.94 -20.41
CA ALA C 284 7.52 -33.07 -21.84
C ALA C 284 8.60 -32.39 -22.62
N ALA C 285 8.99 -31.18 -22.18
CA ALA C 285 10.08 -30.47 -22.82
C ALA C 285 11.39 -31.20 -22.72
N GLN C 286 11.69 -31.77 -21.56
CA GLN C 286 12.89 -32.61 -21.41
C GLN C 286 12.83 -33.83 -22.32
N LEU C 287 11.65 -34.43 -22.41
CA LEU C 287 11.48 -35.62 -23.27
C LEU C 287 11.84 -35.28 -24.72
N LEU C 288 11.54 -34.06 -25.17
CA LEU C 288 11.86 -33.64 -26.54
C LEU C 288 13.36 -33.57 -26.82
N GLN C 289 14.14 -33.43 -25.75
CA GLN C 289 15.56 -33.19 -25.90
C GLN C 289 16.47 -34.37 -25.55
N VAL C 290 15.93 -35.39 -24.88
CA VAL C 290 16.80 -36.53 -24.52
C VAL C 290 17.00 -37.52 -25.69
N LYS C 291 18.00 -38.39 -25.61
CA LYS C 291 18.20 -39.44 -26.62
C LYS C 291 17.01 -40.40 -26.64
N LYS C 292 16.65 -40.93 -27.81
CA LYS C 292 15.44 -41.73 -27.99
C LYS C 292 15.69 -42.98 -28.84
N LYS C 293 16.74 -43.74 -28.55
CA LYS C 293 17.15 -44.81 -29.46
C LYS C 293 17.37 -46.17 -28.77
N THR C 294 18.09 -46.17 -27.66
CA THR C 294 18.50 -47.46 -27.03
C THR C 294 17.65 -47.83 -25.81
N ASP C 295 17.83 -49.07 -25.33
CA ASP C 295 17.03 -49.45 -24.17
C ASP C 295 17.46 -48.67 -22.91
N ASP C 296 18.73 -48.32 -22.79
CA ASP C 296 19.07 -47.35 -21.71
C ASP C 296 18.37 -46.01 -21.84
N ASP C 297 18.21 -45.52 -23.07
CA ASP C 297 17.46 -44.29 -23.30
C ASP C 297 16.01 -44.45 -22.84
N ALA C 298 15.45 -45.61 -23.13
CA ALA C 298 14.06 -45.92 -22.80
C ALA C 298 13.88 -45.97 -21.29
N GLU C 299 14.82 -46.62 -20.62
CA GLU C 299 14.79 -46.70 -19.15
C GLU C 299 14.90 -45.31 -18.54
N ALA C 300 15.79 -44.49 -19.08
CA ALA C 300 15.91 -43.11 -18.55
C ALA C 300 14.63 -42.30 -18.74
N ILE C 301 13.99 -42.45 -19.91
CA ILE C 301 12.71 -41.76 -20.13
C ILE C 301 11.66 -42.21 -19.14
N CYS C 302 11.57 -43.51 -18.89
CA CYS C 302 10.57 -44.02 -17.97
C CYS C 302 10.80 -43.46 -16.55
N SER C 303 12.06 -43.36 -16.11
CA SER C 303 12.32 -42.81 -14.78
CA SER C 303 12.28 -42.81 -14.76
C SER C 303 12.15 -41.29 -14.73
N MET C 304 12.50 -40.61 -15.81
CA MET C 304 12.40 -39.15 -15.84
C MET C 304 10.97 -38.62 -15.87
N CYS C 305 10.11 -39.35 -16.58
CA CYS C 305 8.78 -38.80 -16.90
C CYS C 305 7.73 -39.27 -15.91
N ASN C 306 7.98 -39.07 -14.62
CA ASN C 306 7.07 -39.57 -13.62
C ASN C 306 5.85 -38.68 -13.38
N ALA C 307 5.76 -37.55 -14.08
CA ALA C 307 4.59 -36.69 -13.96
C ALA C 307 3.83 -36.65 -15.27
N LEU C 308 4.20 -37.53 -16.23
CA LEU C 308 3.43 -37.67 -17.48
C LEU C 308 2.77 -39.06 -17.50
N THR C 309 1.56 -39.15 -18.03
CA THR C 309 0.95 -40.46 -18.23
C THR C 309 1.62 -41.19 -19.39
N THR C 310 1.46 -42.51 -19.46
CA THR C 310 1.94 -43.25 -20.61
C THR C 310 1.43 -42.69 -21.94
N ALA C 311 0.15 -42.33 -22.03
CA ALA C 311 -0.37 -41.81 -23.27
C ALA C 311 0.29 -40.49 -23.68
N GLN C 312 0.59 -39.66 -22.66
CA GLN C 312 1.28 -38.40 -22.93
C GLN C 312 2.72 -38.63 -23.46
N ILE C 313 3.43 -39.54 -22.81
CA ILE C 313 4.79 -39.86 -23.25
C ILE C 313 4.79 -40.42 -24.66
N VAL C 314 3.86 -41.34 -24.93
CA VAL C 314 3.78 -41.98 -26.25
C VAL C 314 3.34 -40.97 -27.35
N LYS C 315 2.47 -40.01 -26.98
CA LYS C 315 2.05 -39.01 -27.93
C LYS C 315 3.22 -38.11 -28.32
N VAL C 316 3.99 -37.67 -27.34
CA VAL C 316 5.11 -36.77 -27.60
C VAL C 316 6.11 -37.48 -28.50
N LEU C 317 6.38 -38.75 -28.20
CA LEU C 317 7.32 -39.51 -29.04
C LEU C 317 6.85 -39.72 -30.47
N ASN C 318 5.57 -39.99 -30.63
CA ASN C 318 4.94 -40.11 -31.95
C ASN C 318 4.98 -38.82 -32.75
N LEU C 319 4.75 -37.69 -32.07
CA LEU C 319 4.75 -36.40 -32.76
C LEU C 319 6.14 -35.87 -33.10
N TYR C 320 7.18 -36.37 -32.40
CA TYR C 320 8.51 -35.82 -32.49
C TYR C 320 9.01 -35.76 -33.93
N THR C 321 9.46 -34.57 -34.33
CA THR C 321 10.01 -34.39 -35.67
C THR C 321 11.48 -34.08 -35.61
N PRO C 322 12.28 -34.84 -36.36
CA PRO C 322 13.72 -34.65 -36.43
C PRO C 322 14.07 -33.28 -36.99
N VAL C 323 15.15 -32.68 -36.51
CA VAL C 323 15.62 -31.44 -37.12
C VAL C 323 16.38 -31.81 -38.36
N ASN C 324 17.64 -32.24 -38.18
CA ASN C 324 18.48 -32.59 -39.32
C ASN C 324 17.88 -33.73 -40.14
N GLU C 325 18.25 -33.79 -41.41
CA GLU C 325 17.85 -34.93 -42.24
C GLU C 325 18.62 -36.15 -41.74
N PHE C 326 19.70 -35.88 -41.01
CA PHE C 326 20.54 -36.90 -40.41
C PHE C 326 19.92 -37.49 -39.14
N GLU C 327 18.92 -36.80 -38.58
CA GLU C 327 18.20 -37.27 -37.38
C GLU C 327 16.99 -38.11 -37.81
N GLU C 328 16.82 -39.27 -37.17
CA GLU C 328 15.70 -40.15 -37.54
C GLU C 328 14.50 -39.94 -36.61
N ARG C 329 13.31 -40.30 -37.09
CA ARG C 329 12.11 -40.21 -36.24
C ARG C 329 12.28 -41.28 -35.18
N VAL C 330 11.43 -41.23 -34.18
CA VAL C 330 11.52 -42.24 -33.13
C VAL C 330 10.96 -43.54 -33.69
N SER C 331 11.57 -44.69 -33.43
CA SER C 331 11.03 -45.86 -34.07
C SER C 331 9.82 -46.40 -33.32
N VAL C 332 8.94 -47.09 -34.04
CA VAL C 332 7.72 -47.63 -33.44
C VAL C 332 8.09 -48.66 -32.32
N SER C 333 9.16 -49.40 -32.54
CA SER C 333 9.57 -50.42 -31.58
CA SER C 333 9.56 -50.40 -31.55
C SER C 333 10.10 -49.78 -30.28
N PHE C 334 10.73 -48.61 -30.37
CA PHE C 334 11.21 -47.88 -29.20
C PHE C 334 9.99 -47.40 -28.39
N ILE C 335 9.00 -46.84 -29.10
CA ILE C 335 7.74 -46.43 -28.42
C ILE C 335 7.05 -47.62 -27.73
N ARG C 336 7.04 -48.79 -28.38
CA ARG C 336 6.39 -49.96 -27.82
C ARG C 336 7.20 -50.37 -26.57
N THR C 337 8.53 -50.28 -26.63
CA THR C 337 9.31 -50.61 -25.42
C THR C 337 8.88 -49.72 -24.24
N ILE C 338 8.73 -48.44 -24.51
CA ILE C 338 8.27 -47.55 -23.43
C ILE C 338 6.89 -47.93 -22.95
N GLN C 339 5.98 -48.22 -23.86
CA GLN C 339 4.63 -48.66 -23.45
C GLN C 339 4.69 -49.90 -22.58
N MET C 340 5.51 -50.85 -23.01
CA MET C 340 5.55 -52.14 -22.28
C MET C 340 6.20 -51.97 -20.94
N ARG C 341 7.17 -51.12 -20.83
CA ARG C 341 7.83 -50.97 -19.57
C ARG C 341 7.05 -50.14 -18.57
N LEU C 342 6.11 -49.38 -19.05
CA LEU C 342 5.23 -48.59 -18.18
C LEU C 342 3.89 -49.32 -17.87
N ARG C 343 3.77 -50.59 -18.24
CA ARG C 343 2.52 -51.33 -17.97
C ARG C 343 2.13 -51.46 -16.52
N ASP C 344 3.11 -51.50 -15.66
CA ASP C 344 2.88 -51.72 -14.23
C ASP C 344 2.26 -50.49 -13.59
N ARG C 345 2.17 -49.38 -14.32
CA ARG C 345 1.47 -48.21 -13.78
C ARG C 345 -0.01 -48.42 -13.69
N LYS C 346 -0.62 -47.90 -12.62
CA LYS C 346 -2.06 -47.82 -12.55
C LYS C 346 -2.48 -46.61 -13.36
N ASP C 347 -1.91 -46.51 -14.56
CA ASP C 347 -1.86 -45.24 -15.28
C ASP C 347 -3.18 -44.83 -15.90
N SER C 348 -3.56 -43.58 -15.66
CA SER C 348 -4.71 -42.98 -16.32
C SER C 348 -4.50 -43.06 -17.82
N PRO C 349 -5.57 -43.44 -18.56
CA PRO C 349 -5.52 -43.55 -20.02
C PRO C 349 -5.58 -42.16 -20.66
N GLN C 350 -5.76 -41.17 -19.80
CA GLN C 350 -5.98 -39.79 -20.22
C GLN C 350 -4.81 -39.23 -21.00
N LEU C 351 -5.15 -38.55 -22.09
CA LEU C 351 -4.14 -37.85 -22.85
C LEU C 351 -4.03 -36.44 -22.28
N LEU C 352 -5.15 -35.76 -22.07
CA LEU C 352 -5.10 -34.36 -21.65
C LEU C 352 -5.05 -34.14 -20.15
N MET C 353 -4.30 -33.13 -19.71
CA MET C 353 -4.44 -32.67 -18.35
C MET C 353 -5.81 -32.05 -18.09
N ASP C 354 -6.31 -32.15 -16.87
CA ASP C 354 -7.52 -31.47 -16.51
C ASP C 354 -7.21 -30.01 -16.18
N ALA C 355 -7.31 -29.18 -17.21
CA ALA C 355 -6.95 -27.77 -17.07
C ALA C 355 -7.96 -27.00 -16.20
N LYS C 356 -9.12 -27.60 -15.94
CA LYS C 356 -10.14 -27.01 -15.05
C LYS C 356 -9.98 -27.35 -13.55
N HIS C 357 -9.01 -28.18 -13.20
CA HIS C 357 -8.83 -28.56 -11.81
C HIS C 357 -8.56 -27.31 -10.98
N ILE C 358 -9.20 -27.18 -9.83
CA ILE C 358 -8.86 -26.12 -8.86
C ILE C 358 -8.39 -26.77 -7.57
N PHE C 359 -7.14 -26.49 -7.16
CA PHE C 359 -6.65 -26.98 -5.90
C PHE C 359 -7.52 -26.46 -4.74
N PRO C 360 -7.77 -27.29 -3.71
CA PRO C 360 -8.60 -26.77 -2.62
C PRO C 360 -7.93 -25.62 -1.92
N VAL C 361 -8.71 -24.56 -1.70
CA VAL C 361 -8.22 -23.30 -1.14
C VAL C 361 -8.49 -23.27 0.40
N THR C 362 -7.57 -22.65 1.14
CA THR C 362 -7.77 -22.39 2.57
C THR C 362 -7.62 -20.91 2.84
N PHE C 363 -8.20 -20.51 3.95
CA PHE C 363 -8.07 -19.10 4.36
C PHE C 363 -7.52 -19.03 5.79
N PRO C 364 -6.21 -19.28 5.98
CA PRO C 364 -5.65 -19.27 7.34
C PRO C 364 -5.83 -17.88 7.99
N PHE C 365 -6.14 -17.90 9.30
CA PHE C 365 -6.36 -16.66 10.04
C PHE C 365 -5.19 -15.69 9.89
N ASN C 366 -5.48 -14.43 9.57
CA ASN C 366 -4.50 -13.40 9.33
C ASN C 366 -4.87 -12.13 10.11
N PRO C 367 -4.58 -12.09 11.40
CA PRO C 367 -4.97 -10.94 12.22
C PRO C 367 -4.26 -9.69 11.77
N SER C 368 -4.92 -8.54 11.92
CA SER C 368 -4.43 -7.28 11.47
C SER C 368 -3.88 -6.43 12.63
N SER C 369 -2.86 -5.61 12.37
CA SER C 369 -2.41 -4.68 13.40
C SER C 369 -3.26 -3.42 13.45
N LEU C 370 -4.24 -3.27 12.55
CA LEU C 370 -4.95 -1.99 12.50
C LEU C 370 -5.74 -1.72 13.77
N ALA C 371 -5.62 -0.52 14.28
CA ALA C 371 -6.27 -0.14 15.55
C ALA C 371 -7.64 0.49 15.19
N LEU C 372 -8.74 -0.18 15.57
CA LEU C 372 -10.05 0.27 15.09
C LEU C 372 -10.38 1.68 15.56
N GLU C 373 -9.84 2.08 16.70
CA GLU C 373 -10.20 3.41 17.21
C GLU C 373 -9.52 4.54 16.43
N THR C 374 -8.68 4.16 15.46
CA THR C 374 -8.06 5.19 14.60
C THR C 374 -8.77 5.40 13.26
N ILE C 375 -9.76 4.56 12.97
CA ILE C 375 -10.40 4.57 11.65
C ILE C 375 -11.29 5.77 11.49
N GLN C 376 -11.12 6.49 10.40
CA GLN C 376 -11.97 7.61 10.09
C GLN C 376 -12.79 7.27 8.83
N ILE C 377 -13.96 7.85 8.71
CA ILE C 377 -14.83 7.56 7.56
C ILE C 377 -14.81 8.73 6.58
N PRO C 378 -14.17 8.52 5.42
CA PRO C 378 -14.07 9.61 4.45
C PRO C 378 -15.46 10.07 3.95
N ALA C 379 -15.65 11.38 3.81
CA ALA C 379 -16.91 11.94 3.26
C ALA C 379 -17.35 11.27 1.93
N SER C 380 -16.38 10.85 1.12
CA SER C 380 -16.71 10.34 -0.24
C SER C 380 -17.46 9.03 -0.23
N LEU C 381 -17.48 8.36 0.92
CA LEU C 381 -18.22 7.10 1.02
C LEU C 381 -19.75 7.30 1.16
N GLY C 382 -20.17 8.52 1.53
CA GLY C 382 -21.59 8.84 1.63
C GLY C 382 -22.24 8.23 2.85
N LEU C 383 -21.44 8.12 3.90
CA LEU C 383 -21.90 7.46 5.12
C LEU C 383 -22.05 8.45 6.26
N GLY C 384 -22.49 9.67 5.93
CA GLY C 384 -22.66 10.70 6.94
C GLY C 384 -23.67 10.45 8.05
N PHE C 385 -24.57 9.49 7.82
CA PHE C 385 -25.58 9.14 8.78
C PHE C 385 -25.05 8.19 9.88
N ILE C 386 -23.84 7.64 9.74
CA ILE C 386 -23.33 6.79 10.82
CA ILE C 386 -23.18 6.79 10.77
C ILE C 386 -22.49 7.63 11.79
N ALA C 387 -22.58 7.25 13.06
CA ALA C 387 -21.93 7.99 14.13
C ALA C 387 -20.78 7.17 14.73
N ARG C 388 -19.67 7.85 14.97
CA ARG C 388 -18.53 7.28 15.68
C ARG C 388 -18.90 7.08 17.16
N VAL C 389 -18.66 5.89 17.69
CA VAL C 389 -18.81 5.64 19.13
C VAL C 389 -17.52 5.08 19.75
N GLN D 5 -13.60 -14.03 30.26
CA GLN D 5 -14.38 -13.93 29.04
C GLN D 5 -15.86 -14.21 29.31
N PRO D 6 -16.76 -13.34 28.81
CA PRO D 6 -18.18 -13.61 29.10
C PRO D 6 -18.70 -14.87 28.39
N THR D 7 -19.77 -15.51 28.88
CA THR D 7 -20.53 -16.46 28.04
C THR D 7 -21.26 -15.62 26.99
N ARG D 8 -21.17 -16.01 25.71
CA ARG D 8 -21.86 -15.29 24.66
C ARG D 8 -22.96 -16.09 24.16
N ARG D 9 -23.92 -15.47 23.49
CA ARG D 9 -24.96 -16.25 22.84
C ARG D 9 -24.59 -16.58 21.41
N GLN D 10 -24.66 -17.85 21.04
CA GLN D 10 -24.42 -18.23 19.65
C GLN D 10 -25.64 -17.89 18.82
N ILE D 11 -25.50 -16.95 17.87
CA ILE D 11 -26.59 -16.65 16.95
C ILE D 11 -26.81 -17.82 16.00
N ARG D 12 -28.02 -18.40 16.07
CA ARG D 12 -28.32 -19.63 15.33
C ARG D 12 -29.02 -19.32 14.02
N LEU D 13 -28.50 -19.87 12.94
CA LEU D 13 -29.20 -19.78 11.63
C LEU D 13 -30.05 -21.05 11.47
N SER D 14 -31.18 -20.86 10.75
CA SER D 14 -31.95 -22.01 10.33
C SER D 14 -31.19 -22.69 9.20
N SER D 15 -31.47 -23.95 8.93
CA SER D 15 -30.80 -24.56 7.79
C SER D 15 -31.13 -23.89 6.45
N PRO D 16 -32.42 -23.56 6.20
CA PRO D 16 -32.63 -22.94 4.91
C PRO D 16 -31.94 -21.56 4.80
N GLU D 17 -31.90 -20.82 5.90
CA GLU D 17 -31.21 -19.52 5.84
C GLU D 17 -29.70 -19.70 5.64
N ARG D 18 -29.14 -20.70 6.32
CA ARG D 18 -27.73 -21.00 6.11
C ARG D 18 -27.43 -21.39 4.67
N GLN D 19 -28.33 -22.21 4.10
CA GLN D 19 -28.18 -22.66 2.72
C GLN D 19 -28.21 -21.44 1.79
N ARG D 20 -29.17 -20.54 2.02
CA ARG D 20 -29.25 -19.37 1.12
C ARG D 20 -28.01 -18.48 1.27
N LEU D 21 -27.66 -18.14 2.53
CA LEU D 21 -26.57 -17.20 2.74
C LEU D 21 -25.26 -17.73 2.19
N SER D 22 -25.04 -19.05 2.34
CA SER D 22 -23.72 -19.62 2.02
CA SER D 22 -23.74 -19.66 2.02
C SER D 22 -23.60 -20.01 0.57
N SER D 23 -24.64 -19.79 -0.24
CA SER D 23 -24.62 -20.11 -1.67
C SER D 23 -24.36 -18.82 -2.43
N LEU D 24 -23.19 -18.73 -3.12
CA LEU D 24 -22.84 -17.49 -3.74
C LEU D 24 -23.81 -17.11 -4.83
N ASN D 25 -24.38 -18.16 -5.44
CA ASN D 25 -25.14 -17.93 -6.64
C ASN D 25 -26.57 -17.61 -6.36
N LEU D 26 -26.98 -17.73 -5.09
CA LEU D 26 -28.37 -17.42 -4.76
C LEU D 26 -28.44 -15.97 -4.32
N THR D 27 -29.08 -15.14 -5.15
CA THR D 27 -28.90 -13.70 -5.05
C THR D 27 -29.78 -13.02 -6.07
C1 EDO E . 22.51 -12.58 14.76
O1 EDO E . 21.63 -12.60 15.90
C2 EDO E . 23.83 -11.91 15.12
O2 EDO E . 24.79 -12.92 15.43
C1 EDO F . -14.60 36.64 -19.96
O1 EDO F . -14.52 36.47 -21.40
C2 EDO F . -14.10 35.39 -19.22
O2 EDO F . -12.68 35.47 -18.96
C1 EDO G . -9.78 12.37 -6.29
O1 EDO G . -9.66 11.55 -7.46
C2 EDO G . -8.42 12.82 -5.85
O2 EDO G . -7.58 11.66 -5.52
C1 EDO H . -6.18 8.74 -7.76
O1 EDO H . -6.35 9.61 -6.61
C2 EDO H . -7.29 9.07 -8.74
O2 EDO H . -8.55 9.12 -8.07
C1 EDO I . -25.42 -24.04 20.34
O1 EDO I . -26.31 -25.15 20.49
C2 EDO I . -25.85 -22.96 21.33
O2 EDO I . -27.19 -22.53 21.00
#